data_1X1Q
#
_entry.id   1X1Q
#
_cell.length_a   92.187
_cell.length_b   109.993
_cell.length_c   74.672
_cell.angle_alpha   90.00
_cell.angle_beta   90.00
_cell.angle_gamma   90.00
#
_symmetry.space_group_name_H-M   'P 21 21 2'
#
loop_
_entity.id
_entity.type
_entity.pdbx_description
1 polymer 'tryptophan synthase beta chain'
2 non-polymer 'CHLORIDE ION'
3 water water
#
_entity_poly.entity_id   1
_entity_poly.type   'polypeptide(L)'
_entity_poly.pdbx_seq_one_letter_code
;(MSE)GVVLARGAFRERS(MSE)LTLPDFPLPDARGRFGPYGGRYVPETLIPALEELEAAYREAKKDPAFLEELDHYLRQ
FAGRPTPLYHAKRLSEYWGGAQVFLKREDLLHTGAHKINNTLGQALLARR(MSE)GKRRVIAETGAGQHGVSVATVAALF
GLECVVY(MSE)GEEDVRRQALNVFR(MSE)KLLGAEVRPVAAGSRTLKDATNEAIRDWITNVRTTFYILGSVVGPHPYP
(MSE)(MSE)VRDFQSVIGEEVKRQSLELFGRLPDALIAAVGGGSNAIGLFAPFAYLPEGRPKLIGVEAAGEGLSTGRHA
ASIGAGKRGVLHGSY(MSE)YLLYDHDGQITPAHSVSAGLDYPGVGPEHSYYADAGVAEYASVTDEEALEGFKLLARLEG
IIPALESAHAIAYAAKVVPE(MSE)DKDQVVVINLSGRGDKDVTEV(MSE)RLLGGEL
;
_entity_poly.pdbx_strand_id   A,B
#
# COMPACT_ATOMS: atom_id res chain seq x y z
N LEU A 16 0.21 12.72 -17.20
CA LEU A 16 1.49 13.16 -16.58
C LEU A 16 2.22 14.22 -17.39
N THR A 17 2.73 15.22 -16.68
CA THR A 17 3.47 16.32 -17.27
C THR A 17 4.63 16.62 -16.33
N LEU A 18 5.86 16.34 -16.76
CA LEU A 18 7.00 16.63 -15.91
C LEU A 18 7.18 18.14 -15.93
N PRO A 19 7.37 18.74 -14.75
CA PRO A 19 7.55 20.19 -14.64
C PRO A 19 8.78 20.75 -15.34
N ASP A 20 8.92 22.06 -15.24
CA ASP A 20 10.04 22.79 -15.80
C ASP A 20 10.23 23.98 -14.87
N PHE A 21 10.48 23.67 -13.61
CA PHE A 21 10.67 24.68 -12.59
C PHE A 21 11.83 25.62 -12.92
N PRO A 22 11.78 26.85 -12.41
CA PRO A 22 12.85 27.82 -12.67
C PRO A 22 14.22 27.41 -12.13
N LEU A 23 14.25 26.39 -11.26
CA LEU A 23 15.49 25.87 -10.69
C LEU A 23 15.41 24.35 -10.71
N PRO A 24 16.56 23.66 -10.75
CA PRO A 24 17.93 24.19 -10.77
C PRO A 24 18.30 24.80 -12.12
N ASP A 25 19.45 25.47 -12.18
CA ASP A 25 19.90 26.08 -13.42
C ASP A 25 20.70 25.04 -14.22
N ALA A 26 21.24 25.44 -15.36
CA ALA A 26 22.00 24.53 -16.22
C ALA A 26 23.10 23.76 -15.49
N ARG A 27 23.75 24.41 -14.53
CA ARG A 27 24.83 23.77 -13.76
C ARG A 27 24.30 22.92 -12.59
N GLY A 28 22.98 22.90 -12.40
CA GLY A 28 22.40 22.14 -11.32
C GLY A 28 22.37 22.90 -10.02
N ARG A 29 22.38 24.23 -10.12
CA ARG A 29 22.38 25.10 -8.95
C ARG A 29 21.02 25.70 -8.57
N PHE A 30 20.70 25.63 -7.27
CA PHE A 30 19.49 26.24 -6.72
C PHE A 30 20.06 27.40 -5.93
N GLY A 31 20.24 28.55 -6.59
CA GLY A 31 20.84 29.67 -5.91
C GLY A 31 22.30 29.27 -5.74
N PRO A 32 22.88 29.42 -4.54
CA PRO A 32 24.28 29.03 -4.38
C PRO A 32 24.42 27.52 -4.13
N TYR A 33 23.32 26.86 -3.79
CA TYR A 33 23.34 25.44 -3.49
C TYR A 33 23.25 24.52 -4.70
N GLY A 34 23.68 23.27 -4.49
CA GLY A 34 23.60 22.28 -5.55
C GLY A 34 24.91 21.97 -6.24
N GLY A 35 24.89 22.00 -7.57
CA GLY A 35 26.08 21.72 -8.36
C GLY A 35 26.49 20.25 -8.35
N ARG A 36 27.71 19.99 -8.81
CA ARG A 36 28.24 18.64 -8.84
C ARG A 36 29.74 18.64 -8.48
N TYR A 37 30.01 18.68 -7.19
CA TYR A 37 31.38 18.67 -6.70
C TYR A 37 31.83 17.23 -6.62
N VAL A 38 32.18 16.66 -7.77
CA VAL A 38 32.60 15.28 -7.83
C VAL A 38 33.91 15.10 -8.61
N PRO A 39 34.58 13.95 -8.43
CA PRO A 39 35.83 13.68 -9.12
C PRO A 39 35.60 13.68 -10.63
N GLU A 40 36.65 13.95 -11.40
CA GLU A 40 36.54 13.96 -12.85
C GLU A 40 36.09 12.63 -13.42
N THR A 41 36.19 11.56 -12.62
CA THR A 41 35.77 10.25 -13.09
C THR A 41 34.25 10.13 -13.20
N LEU A 42 33.53 10.85 -12.34
CA LEU A 42 32.07 10.82 -12.36
C LEU A 42 31.43 11.74 -13.38
N ILE A 43 32.12 12.84 -13.69
CA ILE A 43 31.60 13.84 -14.62
C ILE A 43 30.94 13.33 -15.90
N PRO A 44 31.69 12.61 -16.74
CA PRO A 44 31.08 12.12 -18.00
C PRO A 44 29.77 11.34 -17.83
N ALA A 45 29.72 10.46 -16.83
CA ALA A 45 28.53 9.67 -16.57
C ALA A 45 27.33 10.57 -16.23
N LEU A 46 27.55 11.54 -15.35
CA LEU A 46 26.49 12.46 -14.93
C LEU A 46 25.99 13.34 -16.07
N GLU A 47 26.90 13.80 -16.92
CA GLU A 47 26.47 14.65 -18.03
C GLU A 47 25.74 13.84 -19.10
N GLU A 48 26.10 12.56 -19.23
CA GLU A 48 25.42 11.70 -20.19
C GLU A 48 23.98 11.53 -19.69
N LEU A 49 23.86 11.31 -18.37
CA LEU A 49 22.57 11.14 -17.72
C LEU A 49 21.69 12.39 -17.87
N GLU A 50 22.21 13.53 -17.44
CA GLU A 50 21.48 14.78 -17.53
C GLU A 50 20.93 15.02 -18.93
N ALA A 51 21.79 14.85 -19.93
CA ALA A 51 21.39 15.04 -21.32
C ALA A 51 20.28 14.07 -21.69
N ALA A 52 20.46 12.79 -21.36
CA ALA A 52 19.44 11.79 -21.69
C ALA A 52 18.14 12.08 -20.95
N TYR A 53 18.23 12.65 -19.76
CA TYR A 53 17.03 12.96 -18.98
C TYR A 53 16.30 14.17 -19.54
N ARG A 54 17.06 15.19 -19.94
CA ARG A 54 16.47 16.40 -20.50
C ARG A 54 15.63 16.04 -21.70
N GLU A 55 16.15 15.13 -22.52
CA GLU A 55 15.46 14.70 -23.72
C GLU A 55 14.18 13.95 -23.36
N ALA A 56 14.32 12.94 -22.51
CA ALA A 56 13.19 12.10 -22.08
C ALA A 56 12.02 12.85 -21.46
N LYS A 57 12.27 13.82 -20.61
CA LYS A 57 11.18 14.53 -19.96
C LYS A 57 10.28 15.28 -20.93
N LYS A 58 10.79 15.56 -22.13
CA LYS A 58 10.02 16.28 -23.15
C LYS A 58 9.23 15.34 -24.05
N ASP A 59 9.74 14.12 -24.22
CA ASP A 59 9.10 13.12 -25.07
C ASP A 59 7.75 12.57 -24.56
N PRO A 60 6.68 12.74 -25.36
CA PRO A 60 5.36 12.25 -24.97
C PRO A 60 5.37 10.73 -24.84
N ALA A 61 6.26 10.08 -25.56
CA ALA A 61 6.35 8.64 -25.51
C ALA A 61 6.81 8.19 -24.13
N PHE A 62 7.77 8.93 -23.56
CA PHE A 62 8.28 8.61 -22.23
C PHE A 62 7.21 8.95 -21.20
N LEU A 63 6.69 10.16 -21.28
CA LEU A 63 5.65 10.63 -20.36
C LEU A 63 4.44 9.71 -20.31
N GLU A 64 3.95 9.32 -21.49
CA GLU A 64 2.79 8.45 -21.58
C GLU A 64 3.07 7.11 -20.93
N GLU A 65 4.25 6.57 -21.18
CA GLU A 65 4.62 5.28 -20.61
C GLU A 65 4.80 5.37 -19.09
N LEU A 66 5.47 6.41 -18.62
CA LEU A 66 5.67 6.59 -17.20
C LEU A 66 4.33 6.61 -16.51
N ASP A 67 3.43 7.45 -17.03
CA ASP A 67 2.09 7.59 -16.49
C ASP A 67 1.32 6.28 -16.42
N HIS A 68 1.49 5.43 -17.45
CA HIS A 68 0.78 4.15 -17.47
C HIS A 68 1.26 3.27 -16.33
N TYR A 69 2.57 3.24 -16.09
CA TYR A 69 3.09 2.41 -15.01
C TYR A 69 2.81 2.98 -13.62
N LEU A 70 2.76 4.30 -13.50
CA LEU A 70 2.45 4.89 -12.19
C LEU A 70 1.03 4.48 -11.81
N ARG A 71 0.13 4.53 -12.78
CA ARG A 71 -1.27 4.18 -12.57
C ARG A 71 -1.48 2.68 -12.40
N GLN A 72 -1.08 1.90 -13.39
CA GLN A 72 -1.27 0.47 -13.37
C GLN A 72 -0.40 -0.35 -12.41
N PHE A 73 0.87 0.02 -12.28
CA PHE A 73 1.77 -0.73 -11.40
C PHE A 73 1.83 -0.15 -10.00
N ALA A 74 2.18 1.13 -9.90
CA ALA A 74 2.29 1.77 -8.58
C ALA A 74 0.92 2.00 -7.94
N GLY A 75 -0.11 2.20 -8.77
CA GLY A 75 -1.45 2.43 -8.24
C GLY A 75 -1.82 3.89 -8.01
N ARG A 76 -1.29 4.79 -8.85
CA ARG A 76 -1.59 6.21 -8.71
C ARG A 76 -2.86 6.56 -9.49
N PRO A 77 -3.52 7.67 -9.13
CA PRO A 77 -3.21 8.64 -8.09
C PRO A 77 -3.63 8.15 -6.72
N THR A 78 -2.93 8.61 -5.68
CA THR A 78 -3.27 8.20 -4.33
C THR A 78 -4.32 9.17 -3.79
N PRO A 79 -5.25 8.67 -2.99
CA PRO A 79 -6.29 9.54 -2.43
C PRO A 79 -5.83 10.58 -1.43
N LEU A 80 -6.56 11.69 -1.40
CA LEU A 80 -6.31 12.78 -0.47
C LEU A 80 -7.41 12.50 0.55
N TYR A 81 -7.05 11.76 1.59
CA TYR A 81 -7.98 11.32 2.62
C TYR A 81 -8.26 12.30 3.77
N HIS A 82 -9.54 12.59 4.00
CA HIS A 82 -9.95 13.46 5.08
C HIS A 82 -10.02 12.69 6.40
N ALA A 83 -9.09 12.98 7.32
CA ALA A 83 -9.07 12.31 8.61
C ALA A 83 -10.02 13.05 9.55
N LYS A 84 -11.31 12.72 9.44
CA LYS A 84 -12.36 13.35 10.26
C LYS A 84 -12.06 13.25 11.75
N ARG A 85 -11.76 12.05 12.22
CA ARG A 85 -11.47 11.82 13.63
C ARG A 85 -10.27 12.65 14.08
N LEU A 86 -9.23 12.71 13.25
CA LEU A 86 -8.07 13.52 13.56
C LEU A 86 -8.43 14.99 13.64
N SER A 87 -9.20 15.45 12.66
CA SER A 87 -9.64 16.85 12.62
C SER A 87 -10.42 17.24 13.89
N GLU A 88 -11.34 16.38 14.31
CA GLU A 88 -12.14 16.65 15.50
C GLU A 88 -11.29 16.60 16.76
N TYR A 89 -10.43 15.59 16.84
CA TYR A 89 -9.56 15.44 18.00
C TYR A 89 -8.74 16.70 18.24
N TRP A 90 -8.11 17.23 17.19
CA TRP A 90 -7.32 18.46 17.34
C TRP A 90 -8.19 19.72 17.45
N GLY A 91 -9.40 19.66 16.90
CA GLY A 91 -10.28 20.79 16.99
C GLY A 91 -9.82 22.03 16.24
N GLY A 92 -8.87 21.87 15.32
CA GLY A 92 -8.39 22.99 14.54
C GLY A 92 -8.81 22.88 13.08
N ALA A 93 -7.83 22.99 12.18
CA ALA A 93 -8.11 22.90 10.74
C ALA A 93 -8.50 21.50 10.34
N GLN A 94 -9.12 21.38 9.17
CA GLN A 94 -9.51 20.07 8.64
C GLN A 94 -8.22 19.42 8.14
N VAL A 95 -7.97 18.19 8.59
CA VAL A 95 -6.75 17.48 8.21
C VAL A 95 -6.93 16.45 7.11
N PHE A 96 -6.11 16.58 6.07
CA PHE A 96 -6.16 15.67 4.93
C PHE A 96 -4.84 14.93 4.77
N LEU A 97 -4.93 13.64 4.48
CA LEU A 97 -3.74 12.82 4.34
C LEU A 97 -3.49 12.36 2.91
N LYS A 98 -2.31 12.66 2.38
CA LYS A 98 -1.97 12.22 1.04
C LYS A 98 -1.46 10.80 1.26
N ARG A 99 -2.28 9.82 0.88
CA ARG A 99 -2.02 8.40 1.09
C ARG A 99 -0.94 7.71 0.26
N GLU A 100 0.30 8.16 0.37
CA GLU A 100 1.36 7.51 -0.39
C GLU A 100 1.59 6.10 0.15
N ASP A 101 0.97 5.79 1.28
CA ASP A 101 1.11 4.47 1.87
C ASP A 101 0.34 3.44 1.04
N LEU A 102 -0.53 3.92 0.17
CA LEU A 102 -1.32 2.99 -0.66
C LEU A 102 -0.62 2.61 -1.98
N LEU A 103 0.64 3.10 -2.13
CA LEU A 103 1.50 2.74 -3.25
C LEU A 103 2.06 1.32 -3.11
N HIS A 104 2.38 0.75 -4.28
CA HIS A 104 3.06 -0.54 -4.31
C HIS A 104 4.42 -0.44 -3.59
N THR A 105 4.95 -1.60 -3.18
CA THR A 105 6.10 -1.61 -2.29
C THR A 105 5.81 -0.90 -0.96
N GLY A 106 4.76 -0.04 -0.98
CA GLY A 106 4.34 0.59 0.28
C GLY A 106 5.03 1.94 0.53
N ALA A 107 5.89 2.32 -0.44
CA ALA A 107 6.67 3.53 -0.26
C ALA A 107 6.42 4.58 -1.36
N HIS A 108 6.74 5.84 -1.05
CA HIS A 108 6.65 6.89 -2.07
C HIS A 108 7.84 6.82 -3.04
N LYS A 109 8.89 6.16 -2.57
CA LYS A 109 10.12 5.99 -3.33
C LYS A 109 9.89 5.53 -4.78
N ILE A 110 8.95 4.61 -4.96
CA ILE A 110 8.65 4.03 -6.26
C ILE A 110 8.38 5.01 -7.40
N ASN A 111 7.94 6.22 -7.11
CA ASN A 111 7.69 7.17 -8.18
C ASN A 111 9.00 7.45 -8.89
N ASN A 112 10.04 7.64 -8.09
CA ASN A 112 11.35 7.94 -8.60
C ASN A 112 12.05 6.73 -9.19
N THR A 113 11.93 5.58 -8.53
CA THR A 113 12.57 4.38 -9.01
C THR A 113 12.00 3.97 -10.36
N LEU A 114 10.68 4.07 -10.49
CA LEU A 114 9.98 3.75 -11.75
C LEU A 114 10.45 4.69 -12.85
N GLY A 115 10.58 5.97 -12.52
CA GLY A 115 11.03 6.95 -13.49
C GLY A 115 12.47 6.75 -13.93
N GLN A 116 13.36 6.46 -12.98
CA GLN A 116 14.76 6.24 -13.30
C GLN A 116 15.00 4.93 -14.05
N ALA A 117 14.26 3.88 -13.69
CA ALA A 117 14.41 2.61 -14.37
C ALA A 117 13.97 2.75 -15.82
N LEU A 118 12.91 3.53 -16.03
CA LEU A 118 12.38 3.75 -17.38
C LEU A 118 13.39 4.58 -18.16
N LEU A 119 14.13 5.44 -17.48
CA LEU A 119 15.08 6.19 -18.24
C LEU A 119 16.25 5.28 -18.57
N ALA A 120 16.58 4.35 -17.69
CA ALA A 120 17.63 3.37 -17.96
C ALA A 120 17.32 2.57 -19.22
N ARG A 121 16.08 2.08 -19.31
CA ARG A 121 15.69 1.31 -20.48
C ARG A 121 15.77 2.17 -21.74
N ARG A 122 15.30 3.42 -21.63
CA ARG A 122 15.31 4.34 -22.76
C ARG A 122 16.74 4.71 -23.19
N GLY A 124 19.09 2.64 -23.07
CA GLY A 124 19.67 1.42 -23.58
C GLY A 124 20.27 0.54 -22.51
N LYS A 125 20.48 1.09 -21.32
CA LYS A 125 21.05 0.31 -20.21
C LYS A 125 20.22 -0.95 -19.93
N ARG A 126 20.89 -2.07 -19.67
CA ARG A 126 20.20 -3.32 -19.39
C ARG A 126 20.42 -3.68 -17.93
N ARG A 127 21.13 -2.82 -17.21
CA ARG A 127 21.46 -3.09 -15.82
C ARG A 127 21.29 -1.89 -14.91
N VAL A 128 20.69 -2.11 -13.74
CA VAL A 128 20.50 -1.05 -12.75
C VAL A 128 21.06 -1.46 -11.39
N ILE A 129 21.83 -0.57 -10.78
CA ILE A 129 22.38 -0.86 -9.47
C ILE A 129 22.04 0.27 -8.51
N ALA A 130 22.10 -0.03 -7.23
CA ALA A 130 21.80 0.94 -6.19
C ALA A 130 22.37 0.40 -4.89
N GLU A 131 22.33 1.21 -3.84
CA GLU A 131 22.79 0.75 -2.54
C GLU A 131 21.61 0.87 -1.61
N THR A 132 21.64 0.19 -0.48
CA THR A 132 20.53 0.27 0.47
C THR A 132 20.96 0.05 1.91
N GLY A 133 20.40 0.87 2.81
CA GLY A 133 20.71 0.74 4.22
C GLY A 133 19.66 -0.18 4.85
N ALA A 134 18.54 0.41 5.25
CA ALA A 134 17.43 -0.34 5.85
C ALA A 134 16.98 -1.46 4.91
N GLY A 135 16.89 -1.15 3.62
CA GLY A 135 16.50 -2.16 2.65
C GLY A 135 15.32 -1.79 1.77
N GLN A 136 14.57 -0.76 2.17
CA GLN A 136 13.42 -0.34 1.39
C GLN A 136 13.80 0.09 -0.02
N HIS A 137 14.87 0.86 -0.14
CA HIS A 137 15.31 1.30 -1.46
C HIS A 137 15.68 0.07 -2.28
N GLY A 138 16.51 -0.80 -1.71
CA GLY A 138 16.90 -2.01 -2.40
C GLY A 138 15.71 -2.78 -2.93
N VAL A 139 14.62 -2.84 -2.16
CA VAL A 139 13.42 -3.55 -2.59
C VAL A 139 12.68 -2.78 -3.67
N SER A 140 12.67 -1.45 -3.55
CA SER A 140 11.99 -0.60 -4.51
C SER A 140 12.67 -0.78 -5.86
N VAL A 141 14.00 -0.80 -5.84
CA VAL A 141 14.78 -0.97 -7.07
C VAL A 141 14.64 -2.38 -7.65
N ALA A 142 14.73 -3.38 -6.78
CA ALA A 142 14.60 -4.76 -7.21
C ALA A 142 13.22 -4.95 -7.85
N THR A 143 12.21 -4.40 -7.21
CA THR A 143 10.83 -4.50 -7.71
C THR A 143 10.68 -3.91 -9.10
N VAL A 144 11.19 -2.70 -9.27
CA VAL A 144 11.09 -2.02 -10.56
C VAL A 144 11.91 -2.70 -11.64
N ALA A 145 13.07 -3.24 -11.29
CA ALA A 145 13.91 -3.91 -12.27
C ALA A 145 13.18 -5.15 -12.79
N ALA A 146 12.42 -5.79 -11.89
CA ALA A 146 11.66 -6.97 -12.27
C ALA A 146 10.60 -6.57 -13.29
N LEU A 147 9.91 -5.47 -13.03
CA LEU A 147 8.87 -4.99 -13.92
C LEU A 147 9.35 -4.86 -15.36
N PHE A 148 10.50 -4.22 -15.54
CA PHE A 148 11.04 -3.97 -16.87
C PHE A 148 11.99 -5.03 -17.39
N GLY A 149 12.39 -5.95 -16.52
CA GLY A 149 13.28 -7.03 -16.92
C GLY A 149 14.73 -6.62 -17.04
N LEU A 150 15.20 -5.85 -16.06
CA LEU A 150 16.57 -5.37 -16.05
C LEU A 150 17.39 -6.16 -15.03
N GLU A 151 18.66 -6.39 -15.31
CA GLU A 151 19.51 -7.09 -14.35
C GLU A 151 19.68 -6.09 -13.21
N CYS A 152 19.59 -6.56 -11.98
CA CYS A 152 19.69 -5.71 -10.81
C CYS A 152 20.71 -6.19 -9.79
N VAL A 153 21.53 -5.27 -9.31
CA VAL A 153 22.52 -5.59 -8.29
C VAL A 153 22.41 -4.51 -7.23
N VAL A 154 22.18 -4.93 -5.99
CA VAL A 154 22.05 -4.00 -4.90
C VAL A 154 23.22 -4.18 -3.94
N TYR A 155 23.95 -3.11 -3.71
CA TYR A 155 25.08 -3.17 -2.78
C TYR A 155 24.56 -2.86 -1.40
N GLY A 157 25.80 -3.07 2.91
CA GLY A 157 26.82 -3.34 3.91
C GLY A 157 26.53 -4.67 4.59
N GLU A 158 27.57 -5.36 5.05
CA GLU A 158 27.38 -6.65 5.72
C GLU A 158 26.58 -6.50 7.00
N GLU A 159 26.86 -5.46 7.77
CA GLU A 159 26.13 -5.21 9.00
C GLU A 159 24.63 -5.26 8.68
N ASP A 160 24.25 -4.47 7.69
CA ASP A 160 22.86 -4.37 7.24
C ASP A 160 22.31 -5.70 6.74
N VAL A 161 23.10 -6.42 5.96
CA VAL A 161 22.66 -7.70 5.42
C VAL A 161 22.22 -8.68 6.50
N ARG A 162 22.84 -8.62 7.67
CA ARG A 162 22.47 -9.55 8.74
C ARG A 162 21.22 -9.14 9.51
N ARG A 163 20.97 -7.84 9.64
CA ARG A 163 19.79 -7.38 10.35
C ARG A 163 18.65 -6.95 9.40
N GLN A 164 18.58 -7.62 8.24
CA GLN A 164 17.55 -7.34 7.24
C GLN A 164 17.28 -8.58 6.38
N ALA A 165 17.31 -9.74 7.02
CA ALA A 165 17.09 -11.00 6.31
C ALA A 165 15.88 -10.98 5.38
N LEU A 166 14.76 -10.46 5.89
CA LEU A 166 13.53 -10.38 5.11
C LEU A 166 13.71 -9.64 3.80
N ASN A 167 14.02 -8.34 3.87
CA ASN A 167 14.22 -7.55 2.67
C ASN A 167 15.27 -8.13 1.73
N VAL A 168 16.23 -8.86 2.27
CA VAL A 168 17.27 -9.48 1.45
C VAL A 168 16.62 -10.59 0.64
N PHE A 169 15.74 -11.34 1.29
CA PHE A 169 15.03 -12.44 0.64
C PHE A 169 14.12 -11.90 -0.44
N ARG A 170 13.46 -10.78 -0.17
CA ARG A 170 12.55 -10.15 -1.13
C ARG A 170 13.30 -9.77 -2.40
N LYS A 172 16.00 -11.07 -3.51
CA LYS A 172 16.39 -12.28 -4.21
C LYS A 172 15.15 -12.85 -4.91
N LEU A 173 13.99 -12.73 -4.27
CA LEU A 173 12.75 -13.17 -4.85
C LEU A 173 12.48 -12.35 -6.11
N LEU A 174 12.63 -11.03 -5.99
CA LEU A 174 12.42 -10.13 -7.12
C LEU A 174 13.45 -10.42 -8.21
N GLY A 175 14.43 -11.27 -7.89
CA GLY A 175 15.44 -11.62 -8.87
C GLY A 175 16.67 -10.75 -8.89
N ALA A 176 16.81 -9.89 -7.89
CA ALA A 176 17.95 -9.00 -7.82
C ALA A 176 19.10 -9.76 -7.19
N GLU A 177 20.32 -9.33 -7.49
CA GLU A 177 21.48 -9.94 -6.89
C GLU A 177 21.89 -8.99 -5.77
N VAL A 178 21.95 -9.49 -4.54
CA VAL A 178 22.34 -8.66 -3.41
C VAL A 178 23.83 -8.87 -3.20
N ARG A 179 24.59 -7.81 -3.37
CA ARG A 179 26.03 -7.89 -3.23
C ARG A 179 26.53 -7.28 -1.92
N PRO A 180 26.84 -8.13 -0.92
CA PRO A 180 27.34 -7.70 0.39
C PRO A 180 28.60 -6.83 0.32
N VAL A 181 28.69 -5.83 1.19
CA VAL A 181 29.84 -4.95 1.23
C VAL A 181 30.51 -5.10 2.59
N ALA A 182 31.74 -5.61 2.60
CA ALA A 182 32.48 -5.82 3.85
C ALA A 182 33.40 -4.65 4.17
N ALA A 183 33.79 -3.90 3.15
CA ALA A 183 34.68 -2.75 3.30
C ALA A 183 34.33 -1.83 4.46
N GLY A 184 35.30 -1.02 4.86
CA GLY A 184 35.09 -0.08 5.95
C GLY A 184 34.31 -0.64 7.13
N SER A 185 33.30 0.10 7.56
CA SER A 185 32.45 -0.28 8.69
C SER A 185 31.25 -1.16 8.31
N ARG A 186 31.23 -1.63 7.06
CA ARG A 186 30.15 -2.50 6.59
C ARG A 186 28.77 -1.86 6.71
N THR A 187 28.63 -0.62 6.23
CA THR A 187 27.37 0.08 6.30
C THR A 187 26.98 0.74 4.98
N LEU A 188 25.85 1.45 4.96
CA LEU A 188 25.38 2.11 3.76
C LEU A 188 26.46 3.01 3.14
N LYS A 189 27.18 3.71 4.00
CA LYS A 189 28.25 4.61 3.57
C LYS A 189 29.23 3.91 2.63
N ASP A 190 29.63 2.70 3.01
CA ASP A 190 30.58 1.92 2.22
C ASP A 190 29.93 1.41 0.95
N ALA A 191 28.71 0.91 1.07
CA ALA A 191 27.96 0.38 -0.05
C ALA A 191 27.85 1.39 -1.19
N THR A 192 27.70 2.67 -0.83
CA THR A 192 27.58 3.73 -1.82
C THR A 192 28.85 3.84 -2.68
N ASN A 193 30.01 3.63 -2.06
CA ASN A 193 31.28 3.70 -2.80
C ASN A 193 31.48 2.53 -3.76
N GLU A 194 31.20 1.32 -3.27
CA GLU A 194 31.34 0.13 -4.12
C GLU A 194 30.41 0.27 -5.32
N ALA A 195 29.19 0.73 -5.04
CA ALA A 195 28.17 0.92 -6.07
C ALA A 195 28.59 1.97 -7.11
N ILE A 196 28.85 3.19 -6.67
CA ILE A 196 29.23 4.24 -7.58
C ILE A 196 30.39 3.82 -8.46
N ARG A 197 31.35 3.12 -7.87
CA ARG A 197 32.51 2.66 -8.63
C ARG A 197 32.06 1.69 -9.72
N ASP A 198 31.13 0.80 -9.37
CA ASP A 198 30.59 -0.17 -10.32
C ASP A 198 29.96 0.59 -11.48
N TRP A 199 29.10 1.56 -11.14
CA TRP A 199 28.42 2.36 -12.16
C TRP A 199 29.40 3.07 -13.09
N ILE A 200 30.49 3.59 -12.50
CA ILE A 200 31.46 4.30 -13.32
C ILE A 200 32.15 3.36 -14.31
N THR A 201 32.48 2.15 -13.83
CA THR A 201 33.18 1.19 -14.68
C THR A 201 32.27 0.64 -15.77
N ASN A 202 31.00 0.43 -15.38
CA ASN A 202 30.08 -0.21 -16.29
C ASN A 202 29.05 0.78 -16.83
N VAL A 203 29.37 2.06 -16.85
CA VAL A 203 28.47 3.11 -17.30
C VAL A 203 27.76 2.81 -18.61
N ARG A 204 28.48 2.19 -19.54
CA ARG A 204 27.87 1.89 -20.84
C ARG A 204 26.64 1.01 -20.78
N THR A 205 26.61 0.07 -19.83
CA THR A 205 25.47 -0.83 -19.75
C THR A 205 24.66 -0.67 -18.49
N THR A 206 25.17 0.11 -17.53
CA THR A 206 24.44 0.23 -16.28
C THR A 206 24.03 1.63 -15.84
N PHE A 207 22.89 1.68 -15.16
CA PHE A 207 22.31 2.92 -14.64
C PHE A 207 22.33 2.81 -13.11
N TYR A 208 22.69 3.92 -12.47
CA TYR A 208 22.76 3.95 -11.01
C TYR A 208 21.51 4.64 -10.47
N ILE A 209 20.67 3.90 -9.75
CA ILE A 209 19.45 4.47 -9.22
C ILE A 209 19.61 5.05 -7.81
N LEU A 210 19.53 6.37 -7.73
CA LEU A 210 19.65 7.09 -6.47
C LEU A 210 18.26 7.62 -6.07
N GLY A 211 17.84 7.37 -4.85
CA GLY A 211 16.53 7.82 -4.43
C GLY A 211 16.57 9.02 -3.53
N SER A 212 17.77 9.51 -3.23
CA SER A 212 17.90 10.65 -2.35
C SER A 212 17.92 11.99 -3.07
N VAL A 213 17.49 13.02 -2.36
CA VAL A 213 17.46 14.36 -2.91
C VAL A 213 18.81 15.05 -2.68
N VAL A 214 19.69 14.38 -1.93
CA VAL A 214 21.03 14.89 -1.67
C VAL A 214 21.98 14.07 -2.52
N GLY A 215 22.56 14.72 -3.52
CA GLY A 215 23.47 14.05 -4.44
C GLY A 215 23.90 15.02 -5.53
N PRO A 216 24.70 14.58 -6.51
CA PRO A 216 25.13 15.50 -7.56
C PRO A 216 24.12 15.66 -8.70
N HIS A 217 24.18 16.81 -9.35
CA HIS A 217 23.33 17.11 -10.50
C HIS A 217 23.55 16.04 -11.56
N PRO A 218 22.49 15.59 -12.24
CA PRO A 218 21.09 15.98 -12.15
C PRO A 218 20.21 15.16 -11.22
N TYR A 219 20.80 14.36 -10.33
CA TYR A 219 19.99 13.55 -9.43
C TYR A 219 18.95 14.34 -8.60
N PRO A 220 19.37 15.41 -7.92
CA PRO A 220 18.41 16.20 -7.11
C PRO A 220 17.21 16.70 -7.91
N VAL A 223 15.05 13.47 -9.12
CA VAL A 223 14.27 12.85 -8.06
C VAL A 223 13.04 13.71 -7.77
N ARG A 224 13.26 15.02 -7.69
CA ARG A 224 12.17 15.94 -7.42
C ARG A 224 11.10 15.86 -8.50
N ASP A 225 11.53 15.95 -9.76
CA ASP A 225 10.60 15.90 -10.89
C ASP A 225 9.74 14.64 -10.87
N PHE A 226 10.34 13.49 -10.56
CA PHE A 226 9.59 12.24 -10.53
C PHE A 226 8.68 12.15 -9.31
N GLN A 227 9.09 12.80 -8.23
CA GLN A 227 8.28 12.79 -7.02
C GLN A 227 7.17 13.84 -7.11
N SER A 228 7.37 14.84 -7.96
CA SER A 228 6.40 15.93 -8.12
C SER A 228 4.97 15.51 -8.44
N VAL A 229 4.81 14.28 -8.90
CA VAL A 229 3.47 13.78 -9.20
C VAL A 229 2.62 13.81 -7.91
N ILE A 230 3.27 13.84 -6.75
CA ILE A 230 2.56 13.87 -5.47
C ILE A 230 1.88 15.22 -5.25
N GLY A 231 2.65 16.30 -5.40
CA GLY A 231 2.10 17.63 -5.20
C GLY A 231 1.10 18.03 -6.26
N GLU A 232 1.35 17.64 -7.52
CA GLU A 232 0.44 17.98 -8.60
C GLU A 232 -0.91 17.32 -8.40
N GLU A 233 -0.92 16.12 -7.83
CA GLU A 233 -2.17 15.42 -7.56
C GLU A 233 -2.87 16.16 -6.42
N VAL A 234 -2.12 16.57 -5.42
CA VAL A 234 -2.71 17.29 -4.31
C VAL A 234 -3.31 18.60 -4.83
N LYS A 235 -2.54 19.29 -5.66
CA LYS A 235 -2.97 20.55 -6.23
C LYS A 235 -4.31 20.42 -6.96
N ARG A 236 -4.45 19.36 -7.75
CA ARG A 236 -5.65 19.09 -8.53
C ARG A 236 -6.79 18.61 -7.62
N GLN A 237 -6.52 17.59 -6.81
CA GLN A 237 -7.52 17.05 -5.90
C GLN A 237 -8.08 18.16 -5.01
N SER A 238 -7.23 19.08 -4.59
CA SER A 238 -7.66 20.17 -3.75
C SER A 238 -8.60 21.11 -4.51
N LEU A 239 -8.17 21.56 -5.68
CA LEU A 239 -8.99 22.47 -6.49
C LEU A 239 -10.34 21.86 -6.79
N GLU A 240 -10.38 20.55 -6.95
CA GLU A 240 -11.65 19.88 -7.24
C GLU A 240 -12.43 19.62 -5.97
N LEU A 241 -11.76 19.77 -4.83
CA LEU A 241 -12.42 19.52 -3.56
C LEU A 241 -12.83 20.80 -2.85
N PHE A 242 -11.90 21.75 -2.72
CA PHE A 242 -12.19 23.00 -2.04
C PHE A 242 -12.30 24.20 -2.98
N GLY A 243 -12.02 24.00 -4.26
CA GLY A 243 -12.06 25.11 -5.19
C GLY A 243 -10.88 26.04 -4.97
N ARG A 244 -9.94 25.61 -4.13
CA ARG A 244 -8.74 26.38 -3.82
C ARG A 244 -7.67 25.44 -3.26
N LEU A 245 -6.47 25.96 -3.07
CA LEU A 245 -5.36 25.18 -2.55
C LEU A 245 -5.34 25.13 -1.01
N PRO A 246 -4.61 24.17 -0.45
CA PRO A 246 -4.51 24.03 1.00
C PRO A 246 -3.92 25.27 1.63
N ASP A 247 -4.07 25.38 2.95
CA ASP A 247 -3.52 26.52 3.69
C ASP A 247 -2.07 26.18 4.06
N ALA A 248 -1.81 24.92 4.32
CA ALA A 248 -0.47 24.47 4.67
C ALA A 248 -0.24 23.01 4.28
N LEU A 249 1.01 22.69 3.95
CA LEU A 249 1.39 21.32 3.59
C LEU A 249 2.46 20.93 4.58
N ILE A 250 2.31 19.77 5.21
CA ILE A 250 3.28 19.31 6.20
C ILE A 250 3.81 17.92 5.84
N ALA A 251 5.14 17.79 5.80
CA ALA A 251 5.78 16.52 5.48
C ALA A 251 7.12 16.38 6.20
N ALA A 252 7.50 15.13 6.46
CA ALA A 252 8.75 14.83 7.15
C ALA A 252 9.93 15.04 6.19
N VAL A 253 11.00 15.61 6.72
CA VAL A 253 12.19 15.88 5.91
C VAL A 253 13.42 15.19 6.53
N GLY A 254 14.30 14.67 5.70
CA GLY A 254 15.48 14.00 6.23
C GLY A 254 16.29 13.24 5.21
N GLY A 255 16.79 13.96 4.19
CA GLY A 255 17.59 13.34 3.15
C GLY A 255 16.84 12.40 2.23
N GLY A 256 15.52 12.34 2.35
CA GLY A 256 14.73 11.47 1.52
C GLY A 256 14.30 12.11 0.21
N SER A 257 12.99 12.22 0.02
CA SER A 257 12.43 12.82 -1.18
C SER A 257 10.92 13.05 -1.01
N ASN A 258 10.39 12.47 0.07
CA ASN A 258 8.97 12.58 0.39
C ASN A 258 8.46 14.02 0.36
N ALA A 259 9.09 14.90 1.14
CA ALA A 259 8.67 16.29 1.19
C ALA A 259 8.89 17.01 -0.13
N ILE A 260 9.99 16.70 -0.81
CA ILE A 260 10.29 17.36 -2.06
C ILE A 260 9.17 17.22 -3.09
N GLY A 261 8.65 16.01 -3.25
CA GLY A 261 7.59 15.79 -4.19
C GLY A 261 6.32 16.56 -3.86
N LEU A 262 6.02 16.66 -2.57
CA LEU A 262 4.82 17.39 -2.13
C LEU A 262 5.02 18.89 -2.31
N PHE A 263 6.17 19.37 -1.87
CA PHE A 263 6.51 20.79 -1.91
C PHE A 263 6.74 21.49 -3.26
N ALA A 264 7.63 20.95 -4.08
CA ALA A 264 7.96 21.57 -5.36
C ALA A 264 6.82 22.13 -6.17
N PRO A 265 5.68 21.43 -6.24
CA PRO A 265 4.60 22.01 -7.04
C PRO A 265 4.00 23.30 -6.48
N PHE A 266 4.40 23.67 -5.28
CA PHE A 266 3.88 24.87 -4.65
C PHE A 266 4.96 25.92 -4.37
N ALA A 267 6.17 25.45 -4.09
CA ALA A 267 7.29 26.31 -3.77
C ALA A 267 7.52 27.46 -4.74
N TYR A 268 7.51 27.17 -6.04
CA TYR A 268 7.74 28.15 -7.08
C TYR A 268 6.52 28.95 -7.56
N LEU A 269 5.40 28.80 -6.86
CA LEU A 269 4.20 29.53 -7.25
C LEU A 269 4.26 30.96 -6.71
N PRO A 270 3.44 31.86 -7.28
CA PRO A 270 3.39 33.27 -6.86
C PRO A 270 3.02 33.48 -5.39
N GLU A 271 3.08 34.75 -4.99
CA GLU A 271 2.79 35.22 -3.63
C GLU A 271 2.01 34.32 -2.65
N GLY A 272 0.71 34.19 -2.88
CA GLY A 272 -0.12 33.41 -1.96
C GLY A 272 -0.13 31.88 -1.97
N ARG A 273 1.00 31.24 -2.20
CA ARG A 273 1.01 29.78 -2.20
C ARG A 273 0.81 29.27 -0.77
N PRO A 274 0.45 27.99 -0.61
CA PRO A 274 0.25 27.48 0.74
C PRO A 274 1.55 27.46 1.51
N LYS A 275 1.46 27.50 2.83
CA LYS A 275 2.64 27.48 3.67
C LYS A 275 3.20 26.05 3.62
N LEU A 276 4.52 25.94 3.56
CA LEU A 276 5.18 24.65 3.50
C LEU A 276 5.96 24.39 4.78
N ILE A 277 5.73 23.25 5.41
CA ILE A 277 6.41 22.92 6.65
C ILE A 277 7.15 21.59 6.63
N GLY A 278 8.47 21.66 6.61
CA GLY A 278 9.28 20.46 6.61
C GLY A 278 9.61 20.11 8.04
N VAL A 279 9.29 18.88 8.45
CA VAL A 279 9.55 18.47 9.82
C VAL A 279 10.68 17.45 9.88
N GLU A 280 11.75 17.81 10.58
CA GLU A 280 12.90 16.93 10.71
C GLU A 280 12.97 16.36 12.12
N ALA A 281 13.87 15.40 12.30
CA ALA A 281 14.07 14.77 13.60
C ALA A 281 15.00 15.65 14.43
N ALA A 282 14.69 15.81 15.71
CA ALA A 282 15.50 16.63 16.59
C ALA A 282 16.94 16.11 16.56
N GLY A 283 17.88 17.01 16.30
CA GLY A 283 19.28 16.61 16.27
C GLY A 283 19.68 16.24 17.68
N GLU A 284 20.21 15.03 17.86
CA GLU A 284 20.61 14.55 19.18
C GLU A 284 21.53 15.55 19.89
N GLY A 285 20.98 16.18 20.94
CA GLY A 285 21.73 17.15 21.69
C GLY A 285 21.36 18.55 21.28
N LEU A 286 20.31 18.65 20.46
CA LEU A 286 19.82 19.94 19.96
C LEU A 286 18.33 20.15 20.19
N SER A 287 17.90 21.38 19.98
CA SER A 287 16.51 21.76 20.16
C SER A 287 15.76 21.73 18.84
N THR A 288 16.50 21.71 17.73
CA THR A 288 15.92 21.69 16.40
C THR A 288 16.64 20.64 15.56
N GLY A 289 16.31 20.60 14.27
CA GLY A 289 16.95 19.64 13.38
C GLY A 289 18.25 20.21 12.85
N ARG A 290 19.05 19.36 12.21
CA ARG A 290 20.33 19.78 11.66
C ARG A 290 20.16 20.89 10.62
N HIS A 291 19.14 20.77 9.77
CA HIS A 291 18.86 21.76 8.72
C HIS A 291 18.58 23.14 9.33
N ALA A 292 17.57 23.21 10.19
CA ALA A 292 17.21 24.46 10.84
C ALA A 292 18.43 25.04 11.57
N ALA A 293 19.15 24.17 12.28
CA ALA A 293 20.34 24.56 13.02
C ALA A 293 21.40 25.16 12.09
N SER A 294 21.54 24.58 10.90
CA SER A 294 22.50 25.07 9.94
C SER A 294 22.05 26.41 9.38
N ILE A 295 20.72 26.53 9.20
CA ILE A 295 20.13 27.77 8.68
C ILE A 295 20.39 28.93 9.63
N GLY A 296 20.16 28.69 10.92
CA GLY A 296 20.36 29.73 11.91
C GLY A 296 21.82 30.11 12.10
N ALA A 297 22.70 29.10 12.08
CA ALA A 297 24.13 29.30 12.24
C ALA A 297 24.80 29.74 10.95
N GLY A 298 24.10 29.56 9.83
CA GLY A 298 24.66 29.95 8.54
C GLY A 298 25.81 29.06 8.11
N LYS A 299 25.81 27.82 8.57
CA LYS A 299 26.87 26.88 8.22
C LYS A 299 26.46 26.08 6.98
N ARG A 300 27.31 26.13 5.97
CA ARG A 300 27.08 25.43 4.71
C ARG A 300 28.32 24.63 4.34
N GLY A 301 28.14 23.63 3.49
CA GLY A 301 29.25 22.81 3.06
C GLY A 301 28.82 21.86 1.95
N VAL A 302 29.75 21.03 1.48
CA VAL A 302 29.44 20.10 0.42
C VAL A 302 29.22 18.69 0.95
N LEU A 303 28.24 18.02 0.37
CA LEU A 303 27.90 16.65 0.74
C LEU A 303 27.45 15.95 -0.53
N HIS A 304 28.04 14.80 -0.82
CA HIS A 304 27.69 14.06 -2.04
C HIS A 304 27.70 15.02 -3.24
N GLY A 305 28.77 15.79 -3.35
CA GLY A 305 28.92 16.75 -4.44
C GLY A 305 27.81 17.75 -4.54
N SER A 306 27.19 18.06 -3.41
CA SER A 306 26.08 19.01 -3.39
C SER A 306 26.28 20.06 -2.31
N TYR A 307 26.39 21.33 -2.73
CA TYR A 307 26.55 22.42 -1.77
C TYR A 307 25.18 22.66 -1.13
N TYR A 309 23.10 23.42 3.16
CA TYR A 309 23.24 23.68 4.58
C TYR A 309 23.73 22.38 5.21
N LEU A 310 24.80 22.49 5.99
CA LEU A 310 25.42 21.33 6.62
C LEU A 310 25.85 21.67 8.04
N LEU A 311 25.32 20.94 9.01
CA LEU A 311 25.67 21.16 10.40
C LEU A 311 26.98 20.41 10.62
N TYR A 312 28.05 20.90 10.00
CA TYR A 312 29.35 20.25 10.14
C TYR A 312 30.03 20.57 11.47
N ASP A 329 17.18 10.62 9.96
CA ASP A 329 18.41 11.35 10.22
C ASP A 329 19.41 11.26 9.08
N TYR A 330 20.07 12.38 8.81
CA TYR A 330 21.05 12.47 7.72
C TYR A 330 21.96 13.66 8.01
N PRO A 331 23.20 13.64 7.50
CA PRO A 331 24.10 14.78 7.75
C PRO A 331 23.57 16.05 7.06
N GLY A 332 22.72 15.84 6.06
CA GLY A 332 22.15 16.96 5.33
C GLY A 332 20.77 16.65 4.77
N VAL A 333 20.08 17.69 4.30
CA VAL A 333 18.74 17.51 3.75
C VAL A 333 18.62 17.89 2.26
N GLY A 334 19.69 18.41 1.68
CA GLY A 334 19.65 18.73 0.26
C GLY A 334 19.73 20.19 -0.14
N PRO A 335 20.11 20.46 -1.40
CA PRO A 335 20.22 21.83 -1.90
C PRO A 335 18.89 22.55 -2.15
N GLU A 336 17.91 21.85 -2.69
CA GLU A 336 16.63 22.49 -2.95
C GLU A 336 15.91 22.91 -1.67
N HIS A 337 16.11 22.14 -0.60
CA HIS A 337 15.48 22.47 0.67
C HIS A 337 16.22 23.66 1.25
N SER A 338 17.51 23.75 0.95
CA SER A 338 18.32 24.87 1.42
C SER A 338 17.83 26.13 0.71
N TYR A 339 17.53 26.00 -0.57
CA TYR A 339 17.03 27.12 -1.33
C TYR A 339 15.66 27.55 -0.77
N TYR A 340 14.80 26.57 -0.51
CA TYR A 340 13.46 26.85 0.01
C TYR A 340 13.51 27.68 1.30
N ALA A 341 14.49 27.38 2.14
CA ALA A 341 14.62 28.09 3.40
C ALA A 341 14.95 29.56 3.15
N ASP A 342 15.95 29.82 2.33
CA ASP A 342 16.34 31.19 2.04
C ASP A 342 15.27 31.94 1.23
N ALA A 343 14.58 31.23 0.34
CA ALA A 343 13.55 31.86 -0.46
C ALA A 343 12.31 32.16 0.40
N GLY A 344 12.26 31.53 1.57
CA GLY A 344 11.15 31.73 2.48
C GLY A 344 9.87 31.01 2.09
N VAL A 345 9.95 30.02 1.20
CA VAL A 345 8.75 29.30 0.79
C VAL A 345 8.43 28.12 1.69
N ALA A 346 9.37 27.77 2.57
CA ALA A 346 9.17 26.65 3.48
C ALA A 346 9.92 26.85 4.79
N GLU A 347 9.29 26.51 5.91
CA GLU A 347 9.94 26.64 7.21
C GLU A 347 10.25 25.24 7.71
N TYR A 348 11.32 25.08 8.49
CA TYR A 348 11.69 23.77 9.00
C TYR A 348 11.64 23.64 10.51
N ALA A 349 10.84 22.69 10.97
CA ALA A 349 10.67 22.46 12.40
C ALA A 349 11.13 21.05 12.77
N SER A 350 11.14 20.76 14.07
CA SER A 350 11.55 19.46 14.54
C SER A 350 10.66 18.97 15.66
N VAL A 351 10.79 17.69 15.97
CA VAL A 351 10.03 17.08 17.05
C VAL A 351 10.93 16.04 17.68
N THR A 352 10.71 15.75 18.95
CA THR A 352 11.52 14.78 19.66
C THR A 352 11.12 13.36 19.30
N ASP A 353 12.00 12.41 19.59
CA ASP A 353 11.70 11.01 19.30
C ASP A 353 10.39 10.64 19.99
N GLU A 354 10.16 11.18 21.18
CA GLU A 354 8.94 10.85 21.91
C GLU A 354 7.70 11.43 21.26
N GLU A 355 7.78 12.66 20.77
CA GLU A 355 6.62 13.27 20.14
C GLU A 355 6.23 12.51 18.88
N ALA A 356 7.22 11.92 18.21
CA ALA A 356 6.98 11.16 16.99
C ALA A 356 6.22 9.86 17.32
N LEU A 357 6.59 9.23 18.43
CA LEU A 357 5.93 8.00 18.84
C LEU A 357 4.50 8.32 19.24
N GLU A 358 4.32 9.53 19.80
CA GLU A 358 3.00 9.96 20.21
C GLU A 358 2.16 10.14 18.95
N GLY A 359 2.80 10.57 17.86
CA GLY A 359 2.08 10.78 16.61
C GLY A 359 1.76 9.46 15.96
N PHE A 360 2.67 8.52 16.11
CA PHE A 360 2.55 7.19 15.56
C PHE A 360 1.34 6.50 16.17
N LYS A 361 1.27 6.46 17.49
CA LYS A 361 0.17 5.84 18.20
C LYS A 361 -1.16 6.55 17.93
N LEU A 362 -1.10 7.87 17.79
CA LEU A 362 -2.29 8.68 17.56
C LEU A 362 -3.04 8.38 16.28
N LEU A 363 -2.34 8.40 15.15
CA LEU A 363 -2.96 8.15 13.86
C LEU A 363 -3.59 6.76 13.82
N ALA A 364 -2.87 5.76 14.31
CA ALA A 364 -3.35 4.39 14.31
C ALA A 364 -4.64 4.24 15.10
N ARG A 365 -4.66 4.84 16.27
CA ARG A 365 -5.81 4.78 17.15
C ARG A 365 -7.06 5.51 16.62
N LEU A 366 -6.87 6.70 16.06
CA LEU A 366 -7.99 7.51 15.55
C LEU A 366 -8.44 7.25 14.12
N GLU A 367 -7.49 6.92 13.25
CA GLU A 367 -7.79 6.70 11.84
C GLU A 367 -7.63 5.27 11.38
N GLY A 368 -7.02 4.43 12.22
CA GLY A 368 -6.82 3.05 11.81
C GLY A 368 -5.78 2.97 10.72
N ILE A 369 -4.77 3.83 10.81
CA ILE A 369 -3.68 3.86 9.84
C ILE A 369 -2.38 3.92 10.62
N ILE A 370 -1.55 2.89 10.46
CA ILE A 370 -0.26 2.85 11.14
C ILE A 370 0.74 3.41 10.15
N PRO A 371 1.22 4.65 10.39
CA PRO A 371 2.18 5.35 9.54
C PRO A 371 3.64 5.01 9.81
N ALA A 372 4.46 5.22 8.80
CA ALA A 372 5.90 4.98 8.93
C ALA A 372 6.39 5.99 9.96
N LEU A 373 7.45 5.65 10.69
CA LEU A 373 7.95 6.56 11.71
C LEU A 373 8.28 7.94 11.16
N GLU A 374 8.76 8.01 9.91
CA GLU A 374 9.07 9.29 9.30
C GLU A 374 7.80 10.17 9.35
N SER A 375 6.72 9.65 8.79
CA SER A 375 5.45 10.37 8.75
C SER A 375 4.90 10.72 10.14
N ALA A 376 5.11 9.84 11.11
CA ALA A 376 4.63 10.10 12.46
C ALA A 376 5.23 11.41 12.96
N HIS A 377 6.40 11.77 12.43
CA HIS A 377 7.07 13.01 12.82
C HIS A 377 6.24 14.19 12.33
N ALA A 378 5.70 14.06 11.12
CA ALA A 378 4.89 15.12 10.53
C ALA A 378 3.61 15.23 11.33
N ILE A 379 3.11 14.08 11.79
CA ILE A 379 1.88 14.06 12.58
C ILE A 379 2.15 14.80 13.89
N ALA A 380 3.31 14.55 14.48
CA ALA A 380 3.67 15.19 15.75
C ALA A 380 3.67 16.70 15.62
N TYR A 381 4.28 17.22 14.56
CA TYR A 381 4.34 18.67 14.38
C TYR A 381 2.98 19.28 14.13
N ALA A 382 2.15 18.58 13.35
CA ALA A 382 0.83 19.08 13.04
C ALA A 382 0.06 19.23 14.35
N ALA A 383 0.42 18.44 15.36
CA ALA A 383 -0.26 18.53 16.66
C ALA A 383 0.04 19.87 17.33
N LYS A 384 1.18 20.46 16.99
CA LYS A 384 1.58 21.72 17.58
C LYS A 384 1.06 22.96 16.86
N VAL A 385 0.48 22.79 15.68
CA VAL A 385 0.00 23.95 14.93
C VAL A 385 -1.41 23.89 14.37
N VAL A 386 -1.91 22.70 14.13
CA VAL A 386 -3.25 22.53 13.58
C VAL A 386 -4.36 22.98 14.53
N PRO A 387 -4.22 22.70 15.84
CA PRO A 387 -5.25 23.08 16.81
C PRO A 387 -5.53 24.58 16.88
N GLU A 388 -4.50 25.38 16.67
CA GLU A 388 -4.64 26.84 16.71
C GLU A 388 -5.35 27.41 15.48
N ASP A 390 -8.01 27.76 12.12
CA ASP A 390 -9.46 27.79 12.03
C ASP A 390 -10.01 26.48 11.52
N LYS A 391 -11.23 26.17 11.93
CA LYS A 391 -11.88 24.93 11.55
C LYS A 391 -12.21 24.82 10.06
N ASP A 392 -12.20 25.93 9.36
CA ASP A 392 -12.50 25.90 7.94
C ASP A 392 -11.23 25.78 7.08
N GLN A 393 -10.07 25.98 7.71
CA GLN A 393 -8.82 25.88 6.96
C GLN A 393 -8.48 24.42 6.66
N VAL A 394 -7.71 24.23 5.60
CA VAL A 394 -7.32 22.90 5.17
C VAL A 394 -5.82 22.70 5.30
N VAL A 395 -5.45 21.54 5.85
CA VAL A 395 -4.06 21.18 6.03
C VAL A 395 -3.82 19.80 5.44
N VAL A 396 -2.74 19.66 4.68
CA VAL A 396 -2.40 18.37 4.10
C VAL A 396 -1.12 17.83 4.72
N ILE A 397 -1.19 16.61 5.21
CA ILE A 397 -0.04 15.94 5.82
C ILE A 397 0.32 14.81 4.85
N ASN A 398 1.61 14.64 4.61
CA ASN A 398 2.06 13.61 3.69
C ASN A 398 2.41 12.31 4.39
N LEU A 399 1.78 11.22 3.98
CA LEU A 399 2.03 9.90 4.54
C LEU A 399 2.94 9.20 3.54
N SER A 400 4.25 9.35 3.73
CA SER A 400 5.28 8.79 2.85
C SER A 400 5.25 7.29 2.61
N GLY A 401 4.88 6.53 3.65
CA GLY A 401 4.81 5.09 3.50
C GLY A 401 4.03 4.46 4.63
N ARG A 402 3.95 3.13 4.63
CA ARG A 402 3.22 2.46 5.68
C ARG A 402 4.17 2.10 6.81
N GLY A 403 3.63 2.01 8.02
CA GLY A 403 4.46 1.72 9.17
C GLY A 403 4.68 0.26 9.53
N ASP A 404 4.07 -0.64 8.77
CA ASP A 404 4.23 -2.06 9.05
C ASP A 404 5.70 -2.43 9.22
N LYS A 405 6.58 -1.67 8.59
CA LYS A 405 8.01 -1.92 8.66
C LYS A 405 8.56 -1.47 10.03
N ASP A 406 7.97 -0.41 10.57
CA ASP A 406 8.40 0.16 11.84
C ASP A 406 7.68 -0.38 13.08
N VAL A 407 6.68 -1.24 12.89
CA VAL A 407 5.95 -1.79 14.02
C VAL A 407 6.85 -2.49 15.02
N THR A 408 7.71 -3.37 14.52
CA THR A 408 8.62 -4.11 15.38
C THR A 408 9.62 -3.21 16.09
N GLU A 409 10.13 -2.19 15.39
CA GLU A 409 11.08 -1.27 16.01
C GLU A 409 10.38 -0.50 17.13
N VAL A 410 9.11 -0.17 16.91
CA VAL A 410 8.35 0.55 17.91
C VAL A 410 7.97 -0.39 19.04
N ARG A 412 9.80 -2.84 19.99
CA ARG A 412 11.02 -3.25 20.70
C ARG A 412 10.96 -2.57 22.06
N LEU A 413 10.46 -1.34 22.07
CA LEU A 413 10.31 -0.60 23.31
C LEU A 413 8.96 -1.05 23.83
N LEU A 414 8.74 -2.36 23.78
CA LEU A 414 7.48 -2.99 24.20
C LEU A 414 6.86 -2.39 25.44
N GLY A 415 5.56 -2.15 25.35
CA GLY A 415 4.81 -1.59 26.47
C GLY A 415 3.34 -1.52 26.15
N GLY A 416 2.82 -0.30 26.07
CA GLY A 416 1.41 -0.11 25.78
C GLY A 416 1.17 1.07 24.85
N LEU B 16 -23.20 3.49 -7.65
CA LEU B 16 -22.49 3.02 -6.43
C LEU B 16 -23.42 2.30 -5.44
N THR B 17 -24.41 1.59 -5.96
CA THR B 17 -25.37 0.86 -5.15
C THR B 17 -24.89 -0.57 -4.84
N LEU B 18 -25.66 -1.28 -4.02
CA LEU B 18 -25.32 -2.65 -3.68
C LEU B 18 -26.06 -3.61 -4.61
N PRO B 19 -25.59 -4.87 -4.69
CA PRO B 19 -26.23 -5.86 -5.56
C PRO B 19 -27.53 -6.46 -5.04
N ASP B 20 -28.39 -6.82 -5.98
CA ASP B 20 -29.67 -7.44 -5.66
C ASP B 20 -29.74 -8.77 -6.43
N PHE B 21 -28.86 -9.70 -6.06
CA PHE B 21 -28.78 -11.01 -6.71
C PHE B 21 -29.98 -11.89 -6.38
N PRO B 22 -30.38 -12.74 -7.34
CA PRO B 22 -31.51 -13.66 -7.17
C PRO B 22 -31.35 -14.67 -6.03
N LEU B 23 -30.11 -14.96 -5.66
CA LEU B 23 -29.85 -15.90 -4.58
C LEU B 23 -29.07 -15.17 -3.50
N PRO B 24 -29.22 -15.59 -2.23
CA PRO B 24 -30.08 -16.69 -1.79
C PRO B 24 -31.54 -16.26 -1.65
N ASP B 25 -32.40 -17.18 -1.20
CA ASP B 25 -33.80 -16.83 -1.02
C ASP B 25 -33.97 -16.18 0.35
N ALA B 26 -35.20 -15.81 0.70
CA ALA B 26 -35.48 -15.16 1.97
C ALA B 26 -34.90 -15.87 3.19
N ARG B 27 -34.82 -17.20 3.15
CA ARG B 27 -34.28 -18.00 4.25
C ARG B 27 -32.75 -18.10 4.26
N GLY B 28 -32.11 -17.73 3.16
CA GLY B 28 -30.66 -17.83 3.10
C GLY B 28 -30.19 -19.12 2.46
N ARG B 29 -30.96 -19.64 1.51
CA ARG B 29 -30.61 -20.89 0.84
C ARG B 29 -30.25 -20.67 -0.64
N PHE B 30 -29.20 -21.35 -1.08
CA PHE B 30 -28.76 -21.31 -2.48
C PHE B 30 -29.08 -22.71 -2.97
N GLY B 31 -30.31 -22.90 -3.43
CA GLY B 31 -30.72 -24.22 -3.85
C GLY B 31 -30.81 -25.01 -2.55
N PRO B 32 -30.23 -26.22 -2.50
CA PRO B 32 -30.30 -27.01 -1.27
C PRO B 32 -29.18 -26.65 -0.28
N TYR B 33 -28.44 -25.58 -0.56
CA TYR B 33 -27.36 -25.19 0.32
C TYR B 33 -27.64 -23.95 1.16
N GLY B 34 -26.95 -23.84 2.31
CA GLY B 34 -27.12 -22.68 3.15
C GLY B 34 -27.60 -23.00 4.55
N GLY B 35 -28.49 -23.97 4.67
CA GLY B 35 -29.00 -24.36 5.97
C GLY B 35 -27.87 -24.58 6.95
N ARG B 36 -27.97 -23.96 8.11
CA ARG B 36 -26.93 -24.12 9.10
C ARG B 36 -27.64 -24.36 10.42
N TYR B 37 -26.98 -25.10 11.33
CA TYR B 37 -27.56 -25.35 12.63
C TYR B 37 -27.16 -24.22 13.55
N VAL B 38 -28.09 -23.31 13.80
CA VAL B 38 -27.85 -22.18 14.67
C VAL B 38 -28.66 -22.35 15.95
N PRO B 39 -27.98 -22.39 17.11
CA PRO B 39 -28.68 -22.56 18.39
C PRO B 39 -29.78 -21.51 18.60
N GLU B 40 -30.85 -21.93 19.29
CA GLU B 40 -32.00 -21.08 19.57
C GLU B 40 -31.68 -19.68 20.07
N THR B 41 -30.64 -19.56 20.91
CA THR B 41 -30.25 -18.28 21.47
C THR B 41 -29.52 -17.34 20.51
N LEU B 42 -29.24 -17.82 19.31
CA LEU B 42 -28.53 -17.01 18.33
C LEU B 42 -29.49 -16.50 17.26
N ILE B 43 -30.59 -17.24 17.09
CA ILE B 43 -31.59 -16.91 16.08
C ILE B 43 -32.10 -15.47 16.12
N PRO B 44 -32.40 -14.93 17.30
CA PRO B 44 -32.89 -13.55 17.30
C PRO B 44 -31.87 -12.50 16.87
N ALA B 45 -30.58 -12.74 17.12
CA ALA B 45 -29.55 -11.79 16.72
C ALA B 45 -29.34 -11.81 15.21
N LEU B 46 -29.47 -12.99 14.62
CA LEU B 46 -29.29 -13.14 13.18
C LEU B 46 -30.48 -12.58 12.39
N GLU B 47 -31.65 -12.59 13.00
CA GLU B 47 -32.84 -12.05 12.34
C GLU B 47 -32.80 -10.54 12.33
N GLU B 48 -32.33 -9.96 13.43
CA GLU B 48 -32.22 -8.53 13.53
C GLU B 48 -31.17 -8.03 12.53
N LEU B 49 -30.07 -8.76 12.46
CA LEU B 49 -28.99 -8.40 11.55
C LEU B 49 -29.52 -8.37 10.12
N GLU B 50 -30.37 -9.35 9.79
CA GLU B 50 -30.93 -9.41 8.45
C GLU B 50 -31.79 -8.17 8.18
N ALA B 51 -32.67 -7.85 9.14
CA ALA B 51 -33.57 -6.70 9.03
C ALA B 51 -32.82 -5.40 8.81
N ALA B 52 -31.83 -5.16 9.67
CA ALA B 52 -31.02 -3.94 9.57
C ALA B 52 -30.32 -3.88 8.21
N TYR B 53 -29.68 -4.98 7.84
CA TYR B 53 -28.96 -5.01 6.57
C TYR B 53 -29.86 -4.78 5.36
N ARG B 54 -31.00 -5.47 5.31
CA ARG B 54 -31.92 -5.31 4.19
C ARG B 54 -32.35 -3.84 4.11
N GLU B 55 -32.61 -3.22 5.26
CA GLU B 55 -33.02 -1.83 5.30
C GLU B 55 -31.89 -0.88 4.90
N ALA B 56 -30.66 -1.22 5.28
CA ALA B 56 -29.51 -0.39 4.96
C ALA B 56 -29.21 -0.26 3.46
N LYS B 57 -29.30 -1.36 2.72
CA LYS B 57 -28.99 -1.32 1.30
C LYS B 57 -30.02 -0.57 0.47
N LYS B 58 -31.05 -0.05 1.13
CA LYS B 58 -32.08 0.73 0.47
C LYS B 58 -31.77 2.21 0.60
N ASP B 59 -30.91 2.54 1.57
CA ASP B 59 -30.55 3.93 1.88
C ASP B 59 -29.35 4.50 1.14
N PRO B 60 -29.60 5.47 0.25
CA PRO B 60 -28.55 6.13 -0.54
C PRO B 60 -27.41 6.59 0.33
N ALA B 61 -27.75 7.20 1.46
CA ALA B 61 -26.75 7.70 2.39
C ALA B 61 -25.80 6.61 2.87
N PHE B 62 -26.30 5.37 2.95
CA PHE B 62 -25.47 4.26 3.40
C PHE B 62 -24.50 3.84 2.30
N LEU B 63 -25.01 3.74 1.07
CA LEU B 63 -24.21 3.37 -0.10
C LEU B 63 -23.11 4.42 -0.31
N GLU B 64 -23.46 5.67 -0.05
CA GLU B 64 -22.58 6.82 -0.19
C GLU B 64 -21.37 6.75 0.73
N GLU B 65 -21.61 6.46 2.01
CA GLU B 65 -20.53 6.37 2.98
C GLU B 65 -19.60 5.19 2.70
N LEU B 66 -20.20 4.08 2.28
CA LEU B 66 -19.45 2.88 1.98
C LEU B 66 -18.46 3.17 0.85
N ASP B 67 -19.01 3.73 -0.22
CA ASP B 67 -18.21 4.07 -1.40
C ASP B 67 -17.13 5.09 -1.05
N HIS B 68 -17.50 6.15 -0.33
CA HIS B 68 -16.54 7.16 0.09
C HIS B 68 -15.34 6.52 0.80
N TYR B 69 -15.64 5.66 1.77
CA TYR B 69 -14.59 5.00 2.53
C TYR B 69 -13.85 3.97 1.70
N LEU B 70 -14.57 3.24 0.86
CA LEU B 70 -13.91 2.24 0.02
C LEU B 70 -12.89 2.94 -0.87
N ARG B 71 -13.25 4.13 -1.35
CA ARG B 71 -12.33 4.87 -2.20
C ARG B 71 -11.23 5.61 -1.46
N GLN B 72 -11.63 6.50 -0.56
CA GLN B 72 -10.66 7.33 0.17
C GLN B 72 -9.88 6.66 1.27
N PHE B 73 -10.42 5.59 1.84
CA PHE B 73 -9.72 4.91 2.93
C PHE B 73 -9.05 3.63 2.46
N ALA B 74 -9.81 2.74 1.82
CA ALA B 74 -9.27 1.47 1.34
C ALA B 74 -8.45 1.65 0.06
N GLY B 75 -8.83 2.61 -0.77
CA GLY B 75 -8.09 2.85 -2.01
C GLY B 75 -8.73 2.31 -3.27
N ARG B 76 -10.01 1.98 -3.22
CA ARG B 76 -10.70 1.45 -4.40
C ARG B 76 -10.95 2.60 -5.38
N PRO B 77 -11.06 2.29 -6.68
CA PRO B 77 -10.95 0.98 -7.34
C PRO B 77 -9.50 0.53 -7.52
N THR B 78 -9.28 -0.78 -7.49
CA THR B 78 -7.94 -1.33 -7.67
C THR B 78 -7.69 -1.56 -9.15
N PRO B 79 -6.44 -1.38 -9.60
CA PRO B 79 -6.13 -1.58 -11.03
C PRO B 79 -6.24 -3.00 -11.54
N LEU B 80 -6.67 -3.14 -12.79
CA LEU B 80 -6.75 -4.43 -13.47
C LEU B 80 -5.47 -4.37 -14.29
N TYR B 81 -4.41 -4.94 -13.73
CA TYR B 81 -3.09 -4.90 -14.34
C TYR B 81 -2.75 -5.93 -15.40
N HIS B 82 -2.12 -5.49 -16.48
CA HIS B 82 -1.73 -6.38 -17.55
C HIS B 82 -0.32 -6.89 -17.23
N ALA B 83 -0.22 -8.18 -16.94
CA ALA B 83 1.06 -8.80 -16.61
C ALA B 83 1.71 -9.24 -17.91
N LYS B 84 2.36 -8.29 -18.58
CA LYS B 84 3.01 -8.51 -19.85
C LYS B 84 4.11 -9.57 -19.90
N ARG B 85 5.13 -9.44 -19.04
CA ARG B 85 6.22 -10.43 -19.03
C ARG B 85 5.68 -11.83 -18.74
N LEU B 86 4.63 -11.90 -17.93
CA LEU B 86 4.08 -13.20 -17.59
C LEU B 86 3.15 -13.70 -18.68
N SER B 87 2.52 -12.82 -19.45
CA SER B 87 1.68 -13.25 -20.57
C SER B 87 2.57 -13.74 -21.72
N GLU B 88 3.75 -13.15 -21.83
CA GLU B 88 4.70 -13.52 -22.88
C GLU B 88 5.35 -14.85 -22.51
N TYR B 89 5.59 -15.04 -21.21
CA TYR B 89 6.20 -16.25 -20.72
C TYR B 89 5.34 -17.50 -20.96
N TRP B 90 4.07 -17.44 -20.58
CA TRP B 90 3.18 -18.57 -20.78
C TRP B 90 2.79 -18.76 -22.24
N GLY B 91 3.04 -17.73 -23.04
CA GLY B 91 2.73 -17.79 -24.47
C GLY B 91 1.26 -17.90 -24.84
N GLY B 92 0.38 -18.07 -23.85
CA GLY B 92 -1.03 -18.19 -24.16
C GLY B 92 -1.79 -16.88 -24.18
N ALA B 93 -2.95 -16.87 -23.52
CA ALA B 93 -3.79 -15.69 -23.47
C ALA B 93 -3.18 -14.55 -22.65
N GLN B 94 -3.75 -13.36 -22.80
CA GLN B 94 -3.29 -12.19 -22.06
C GLN B 94 -3.72 -12.33 -20.61
N VAL B 95 -2.81 -12.05 -19.69
CA VAL B 95 -3.09 -12.18 -18.28
C VAL B 95 -3.17 -10.85 -17.54
N PHE B 96 -4.32 -10.61 -16.92
CA PHE B 96 -4.57 -9.40 -16.14
C PHE B 96 -4.70 -9.79 -14.68
N LEU B 97 -4.09 -9.00 -13.81
CA LEU B 97 -4.16 -9.26 -12.39
C LEU B 97 -5.01 -8.21 -11.67
N LYS B 98 -6.09 -8.65 -11.04
CA LYS B 98 -6.94 -7.73 -10.29
C LYS B 98 -6.13 -7.47 -9.02
N ARG B 99 -5.56 -6.26 -8.95
CA ARG B 99 -4.71 -5.85 -7.83
C ARG B 99 -5.33 -5.60 -6.45
N GLU B 100 -6.01 -6.59 -5.88
CA GLU B 100 -6.60 -6.40 -4.57
C GLU B 100 -5.52 -6.28 -3.50
N ASP B 101 -4.26 -6.44 -3.90
CA ASP B 101 -3.15 -6.36 -2.95
C ASP B 101 -2.76 -4.91 -2.64
N LEU B 102 -3.35 -3.96 -3.36
CA LEU B 102 -3.05 -2.55 -3.14
C LEU B 102 -3.95 -1.92 -2.09
N LEU B 103 -5.01 -2.63 -1.70
CA LEU B 103 -5.92 -2.10 -0.69
C LEU B 103 -5.22 -1.86 0.65
N HIS B 104 -5.69 -0.86 1.38
CA HIS B 104 -5.16 -0.55 2.71
C HIS B 104 -5.23 -1.86 3.50
N THR B 105 -4.22 -2.10 4.33
CA THR B 105 -4.09 -3.32 5.15
C THR B 105 -3.55 -4.49 4.32
N GLY B 106 -3.65 -4.39 3.01
CA GLY B 106 -3.14 -5.44 2.14
C GLY B 106 -4.06 -6.59 1.80
N ALA B 107 -5.27 -6.59 2.37
CA ALA B 107 -6.22 -7.67 2.09
C ALA B 107 -7.54 -7.19 1.49
N HIS B 108 -8.14 -8.05 0.68
CA HIS B 108 -9.42 -7.74 0.05
C HIS B 108 -10.54 -7.80 1.07
N LYS B 109 -10.35 -8.58 2.13
CA LYS B 109 -11.37 -8.70 3.14
C LYS B 109 -11.88 -7.38 3.72
N ILE B 110 -11.12 -6.30 3.55
CA ILE B 110 -11.53 -5.01 4.10
C ILE B 110 -12.80 -4.43 3.48
N ASN B 111 -13.16 -4.90 2.30
CA ASN B 111 -14.39 -4.44 1.66
C ASN B 111 -15.52 -4.88 2.57
N ASN B 112 -15.40 -6.08 3.10
CA ASN B 112 -16.42 -6.65 3.96
C ASN B 112 -16.46 -6.06 5.38
N THR B 113 -15.29 -5.90 6.00
CA THR B 113 -15.26 -5.36 7.34
C THR B 113 -15.72 -3.90 7.35
N LEU B 114 -15.30 -3.12 6.36
CA LEU B 114 -15.74 -1.71 6.30
C LEU B 114 -17.27 -1.67 6.24
N GLY B 115 -17.84 -2.54 5.42
CA GLY B 115 -19.29 -2.59 5.31
C GLY B 115 -19.99 -2.98 6.61
N GLN B 116 -19.49 -4.02 7.25
CA GLN B 116 -20.08 -4.49 8.50
C GLN B 116 -19.94 -3.52 9.68
N ALA B 117 -18.79 -2.87 9.81
CA ALA B 117 -18.60 -1.90 10.90
C ALA B 117 -19.53 -0.72 10.67
N LEU B 118 -19.80 -0.44 9.41
CA LEU B 118 -20.69 0.65 9.04
C LEU B 118 -22.11 0.24 9.43
N LEU B 119 -22.46 -1.02 9.22
CA LEU B 119 -23.77 -1.52 9.56
C LEU B 119 -23.99 -1.46 11.06
N ALA B 120 -22.96 -1.84 11.81
CA ALA B 120 -23.02 -1.83 13.25
C ALA B 120 -23.26 -0.42 13.79
N ARG B 121 -22.63 0.56 13.17
CA ARG B 121 -22.78 1.94 13.60
C ARG B 121 -24.21 2.41 13.35
N ARG B 122 -24.73 2.05 12.16
CA ARG B 122 -26.09 2.40 11.77
C ARG B 122 -27.07 1.74 12.73
N GLY B 124 -26.62 1.28 15.66
CA GLY B 124 -26.46 1.84 16.98
C GLY B 124 -25.51 1.07 17.89
N LYS B 125 -24.77 0.11 17.34
CA LYS B 125 -23.82 -0.66 18.14
C LYS B 125 -22.60 0.21 18.39
N ARG B 126 -21.95 0.03 19.53
CA ARG B 126 -20.77 0.83 19.87
C ARG B 126 -19.58 -0.10 20.06
N ARG B 127 -19.86 -1.39 19.96
CA ARG B 127 -18.85 -2.41 20.17
C ARG B 127 -18.92 -3.43 19.05
N VAL B 128 -17.77 -3.92 18.65
CA VAL B 128 -17.69 -4.92 17.60
C VAL B 128 -16.65 -5.96 17.99
N ILE B 129 -17.04 -7.23 17.92
CA ILE B 129 -16.12 -8.30 18.28
C ILE B 129 -15.89 -9.25 17.13
N ALA B 130 -14.83 -10.03 17.26
CA ALA B 130 -14.45 -10.97 16.22
C ALA B 130 -13.44 -11.97 16.78
N GLU B 131 -13.12 -12.98 15.97
CA GLU B 131 -12.12 -13.96 16.37
C GLU B 131 -11.15 -14.08 15.20
N THR B 132 -9.90 -14.42 15.50
CA THR B 132 -8.88 -14.56 14.46
C THR B 132 -7.84 -15.62 14.78
N GLY B 133 -7.31 -16.23 13.72
CA GLY B 133 -6.29 -17.24 13.87
C GLY B 133 -4.92 -16.61 13.72
N ALA B 134 -4.45 -16.51 12.49
CA ALA B 134 -3.14 -15.92 12.23
C ALA B 134 -3.11 -14.41 12.50
N GLY B 135 -4.28 -13.79 12.60
CA GLY B 135 -4.32 -12.36 12.90
C GLY B 135 -4.74 -11.39 11.81
N GLN B 136 -4.88 -11.89 10.59
CA GLN B 136 -5.27 -11.05 9.45
C GLN B 136 -6.66 -10.45 9.67
N HIS B 137 -7.58 -11.27 10.16
CA HIS B 137 -8.93 -10.82 10.41
C HIS B 137 -8.99 -9.89 11.61
N GLY B 138 -8.19 -10.20 12.63
CA GLY B 138 -8.17 -9.37 13.83
C GLY B 138 -7.75 -7.95 13.51
N VAL B 139 -6.76 -7.81 12.64
CA VAL B 139 -6.25 -6.51 12.22
C VAL B 139 -7.25 -5.78 11.35
N SER B 140 -7.86 -6.50 10.41
CA SER B 140 -8.83 -5.88 9.53
C SER B 140 -9.95 -5.28 10.37
N VAL B 141 -10.47 -6.06 11.31
CA VAL B 141 -11.55 -5.61 12.19
C VAL B 141 -11.12 -4.44 13.05
N ALA B 142 -9.97 -4.58 13.70
CA ALA B 142 -9.42 -3.55 14.56
C ALA B 142 -9.26 -2.24 13.80
N THR B 143 -8.83 -2.35 12.55
CA THR B 143 -8.63 -1.19 11.69
C THR B 143 -9.91 -0.40 11.48
N VAL B 144 -10.95 -1.08 11.01
CA VAL B 144 -12.20 -0.40 10.75
C VAL B 144 -12.91 0.00 12.03
N ALA B 145 -12.46 -0.54 13.16
CA ALA B 145 -13.04 -0.21 14.47
C ALA B 145 -12.49 1.15 14.88
N ALA B 146 -11.21 1.38 14.61
CA ALA B 146 -10.59 2.66 14.93
C ALA B 146 -11.13 3.71 13.97
N LEU B 147 -11.35 3.32 12.72
CA LEU B 147 -11.86 4.22 11.70
C LEU B 147 -13.23 4.77 12.02
N PHE B 148 -14.08 3.95 12.63
CA PHE B 148 -15.43 4.39 12.97
C PHE B 148 -15.64 4.75 14.45
N GLY B 149 -14.56 4.72 15.23
CA GLY B 149 -14.67 5.06 16.65
C GLY B 149 -15.40 4.03 17.48
N LEU B 150 -15.42 2.79 17.00
CA LEU B 150 -16.09 1.71 17.70
C LEU B 150 -15.12 0.97 18.64
N GLU B 151 -15.68 0.44 19.71
CA GLU B 151 -14.93 -0.33 20.70
C GLU B 151 -14.65 -1.69 20.06
N CYS B 152 -13.41 -2.16 20.12
CA CYS B 152 -13.08 -3.43 19.48
C CYS B 152 -12.43 -4.45 20.40
N VAL B 153 -12.97 -5.67 20.37
CA VAL B 153 -12.45 -6.77 21.16
C VAL B 153 -12.27 -7.98 20.24
N VAL B 154 -11.03 -8.46 20.16
CA VAL B 154 -10.75 -9.60 19.31
C VAL B 154 -10.38 -10.82 20.16
N TYR B 155 -11.03 -11.94 19.87
CA TYR B 155 -10.75 -13.18 20.60
C TYR B 155 -9.71 -13.98 19.86
N GLY B 157 -6.62 -17.25 20.31
CA GLY B 157 -6.17 -18.36 21.13
C GLY B 157 -4.75 -18.21 21.66
N GLU B 158 -4.54 -18.63 22.91
CA GLU B 158 -3.24 -18.56 23.57
C GLU B 158 -2.06 -18.86 22.66
N GLU B 159 -2.17 -19.91 21.85
CA GLU B 159 -1.10 -20.30 20.94
C GLU B 159 -0.87 -19.23 19.89
N ASP B 160 -1.87 -19.03 19.03
CA ASP B 160 -1.77 -18.03 17.97
C ASP B 160 -1.23 -16.70 18.48
N VAL B 161 -1.66 -16.29 19.67
CA VAL B 161 -1.24 -15.04 20.26
C VAL B 161 0.27 -14.95 20.49
N ARG B 162 0.91 -16.09 20.75
CA ARG B 162 2.35 -16.11 20.97
C ARG B 162 3.16 -16.15 19.67
N ARG B 163 2.60 -16.82 18.66
CA ARG B 163 3.28 -16.94 17.38
C ARG B 163 3.06 -15.71 16.48
N GLN B 164 2.09 -14.87 16.85
CA GLN B 164 1.77 -13.67 16.08
C GLN B 164 1.98 -12.40 16.91
N ALA B 165 3.21 -12.19 17.37
CA ALA B 165 3.53 -11.02 18.19
C ALA B 165 3.28 -9.70 17.47
N LEU B 166 3.54 -9.68 16.16
CA LEU B 166 3.34 -8.48 15.36
C LEU B 166 1.88 -8.09 15.31
N ASN B 167 1.05 -8.92 14.68
CA ASN B 167 -0.38 -8.65 14.57
C ASN B 167 -1.00 -8.28 15.90
N VAL B 168 -0.61 -8.99 16.96
CA VAL B 168 -1.16 -8.69 18.27
C VAL B 168 -0.85 -7.24 18.60
N PHE B 169 0.38 -6.81 18.32
CA PHE B 169 0.76 -5.44 18.61
C PHE B 169 0.00 -4.48 17.70
N ARG B 170 -0.09 -4.81 16.42
CA ARG B 170 -0.81 -3.98 15.48
C ARG B 170 -2.21 -3.75 16.03
N LYS B 172 -3.32 -3.98 18.92
CA LYS B 172 -3.25 -3.17 20.12
C LYS B 172 -3.04 -1.69 19.79
N LEU B 173 -2.26 -1.41 18.74
CA LEU B 173 -2.01 -0.03 18.33
C LEU B 173 -3.30 0.58 17.76
N LEU B 174 -4.09 -0.25 17.09
CA LEU B 174 -5.35 0.19 16.50
C LEU B 174 -6.36 0.47 17.60
N GLY B 175 -5.95 0.33 18.86
CA GLY B 175 -6.85 0.60 19.96
C GLY B 175 -7.75 -0.52 20.44
N ALA B 176 -7.67 -1.69 19.82
CA ALA B 176 -8.50 -2.82 20.21
C ALA B 176 -7.90 -3.63 21.35
N GLU B 177 -8.74 -4.41 22.02
CA GLU B 177 -8.29 -5.25 23.13
C GLU B 177 -8.20 -6.70 22.69
N VAL B 178 -7.03 -7.30 22.89
CA VAL B 178 -6.81 -8.69 22.52
C VAL B 178 -6.85 -9.60 23.75
N ARG B 179 -7.87 -10.47 23.81
CA ARG B 179 -8.01 -11.39 24.93
C ARG B 179 -7.96 -12.84 24.46
N PRO B 180 -7.07 -13.66 25.06
CA PRO B 180 -6.90 -15.07 24.73
C PRO B 180 -8.11 -15.96 25.05
N THR B 187 -4.99 -21.99 20.48
CA THR B 187 -5.89 -22.45 19.43
C THR B 187 -7.07 -21.49 19.26
N LEU B 188 -7.31 -21.07 18.01
CA LEU B 188 -8.40 -20.15 17.69
C LEU B 188 -9.77 -20.77 17.96
N LYS B 189 -9.82 -22.10 18.00
CA LYS B 189 -11.05 -22.82 18.26
C LYS B 189 -11.65 -22.35 19.59
N ASP B 190 -10.78 -22.23 20.58
CA ASP B 190 -11.17 -21.80 21.92
C ASP B 190 -11.55 -20.32 21.97
N ALA B 191 -11.25 -19.59 20.91
CA ALA B 191 -11.54 -18.16 20.83
C ALA B 191 -12.87 -17.85 20.14
N THR B 192 -13.29 -18.72 19.23
CA THR B 192 -14.53 -18.53 18.49
C THR B 192 -15.79 -18.71 19.34
N ASN B 193 -15.96 -19.89 19.94
CA ASN B 193 -17.14 -20.14 20.76
C ASN B 193 -17.17 -19.33 22.05
N GLU B 194 -16.09 -18.59 22.30
CA GLU B 194 -16.02 -17.74 23.49
C GLU B 194 -16.58 -16.39 23.07
N ALA B 195 -16.38 -16.08 21.80
CA ALA B 195 -16.85 -14.83 21.21
C ALA B 195 -18.35 -14.85 20.92
N ILE B 196 -18.84 -15.97 20.39
CA ILE B 196 -20.26 -16.11 20.07
C ILE B 196 -21.08 -15.88 21.34
N ARG B 197 -20.53 -16.37 22.45
CA ARG B 197 -21.18 -16.21 23.75
C ARG B 197 -21.31 -14.72 24.04
N ASP B 198 -20.17 -14.04 24.04
CA ASP B 198 -20.10 -12.61 24.27
C ASP B 198 -21.09 -11.86 23.39
N TRP B 199 -21.11 -12.22 22.10
CA TRP B 199 -22.02 -11.55 21.16
C TRP B 199 -23.48 -11.65 21.62
N ILE B 200 -23.90 -12.89 21.93
CA ILE B 200 -25.28 -13.10 22.37
C ILE B 200 -25.64 -12.25 23.59
N THR B 201 -24.75 -12.32 24.60
CA THR B 201 -25.00 -11.62 25.86
C THR B 201 -25.15 -10.12 25.65
N ASN B 202 -24.23 -9.56 24.86
CA ASN B 202 -24.23 -8.12 24.66
C ASN B 202 -24.75 -7.72 23.27
N VAL B 203 -25.60 -8.58 22.68
CA VAL B 203 -26.09 -8.27 21.33
C VAL B 203 -26.67 -6.86 21.22
N ARG B 204 -27.34 -6.40 22.27
CA ARG B 204 -27.93 -5.07 22.25
C ARG B 204 -26.92 -3.99 21.88
N THR B 205 -25.67 -4.20 22.28
CA THR B 205 -24.60 -3.23 22.04
C THR B 205 -23.41 -3.74 21.21
N THR B 206 -23.48 -4.98 20.76
CA THR B 206 -22.37 -5.55 20.02
C THR B 206 -22.69 -6.14 18.67
N PHE B 207 -21.75 -5.95 17.75
CA PHE B 207 -21.88 -6.48 16.40
C PHE B 207 -20.72 -7.43 16.22
N TYR B 208 -20.97 -8.55 15.55
CA TYR B 208 -19.95 -9.57 15.33
C TYR B 208 -19.52 -9.55 13.87
N ILE B 209 -18.30 -9.13 13.60
CA ILE B 209 -17.82 -9.09 12.22
C ILE B 209 -17.29 -10.45 11.76
N LEU B 210 -17.92 -11.00 10.73
CA LEU B 210 -17.47 -12.26 10.20
C LEU B 210 -17.06 -12.11 8.74
N GLY B 211 -15.86 -12.59 8.45
CA GLY B 211 -15.33 -12.46 7.11
C GLY B 211 -15.38 -13.75 6.30
N SER B 212 -16.26 -14.66 6.69
CA SER B 212 -16.38 -15.95 6.02
C SER B 212 -17.69 -16.11 5.24
N VAL B 213 -17.65 -16.88 4.15
CA VAL B 213 -18.84 -17.11 3.34
C VAL B 213 -19.51 -18.46 3.61
N VAL B 214 -19.13 -19.09 4.72
CA VAL B 214 -19.68 -20.39 5.10
C VAL B 214 -20.57 -20.36 6.33
N GLY B 215 -20.72 -19.18 6.93
CA GLY B 215 -21.54 -19.08 8.13
C GLY B 215 -23.03 -19.09 7.81
N PRO B 216 -23.88 -18.87 8.82
CA PRO B 216 -25.33 -18.84 8.62
C PRO B 216 -25.84 -17.50 8.09
N HIS B 217 -26.95 -17.57 7.37
CA HIS B 217 -27.63 -16.43 6.81
C HIS B 217 -27.82 -15.40 7.92
N PRO B 218 -27.68 -14.10 7.61
CA PRO B 218 -27.37 -13.50 6.31
C PRO B 218 -25.90 -13.16 6.06
N TYR B 219 -24.99 -13.83 6.73
CA TYR B 219 -23.57 -13.52 6.56
C TYR B 219 -22.98 -13.86 5.18
N PRO B 220 -23.29 -15.04 4.64
CA PRO B 220 -22.73 -15.34 3.32
C PRO B 220 -23.23 -14.37 2.25
N VAL B 223 -21.50 -10.80 3.08
CA VAL B 223 -20.09 -10.79 2.70
C VAL B 223 -19.97 -10.76 1.17
N ARG B 224 -20.77 -11.58 0.52
CA ARG B 224 -20.78 -11.65 -0.94
C ARG B 224 -21.12 -10.28 -1.52
N ASP B 225 -22.12 -9.61 -0.94
CA ASP B 225 -22.55 -8.28 -1.40
C ASP B 225 -21.47 -7.21 -1.26
N PHE B 226 -20.81 -7.17 -0.11
CA PHE B 226 -19.75 -6.19 0.10
C PHE B 226 -18.52 -6.50 -0.74
N GLN B 227 -18.27 -7.77 -1.01
CA GLN B 227 -17.10 -8.16 -1.80
C GLN B 227 -17.36 -8.00 -3.31
N SER B 228 -18.65 -7.98 -3.69
CA SER B 228 -19.07 -7.85 -5.08
C SER B 228 -18.40 -6.73 -5.82
N VAL B 229 -18.01 -5.71 -5.09
CA VAL B 229 -17.38 -4.53 -5.65
C VAL B 229 -16.19 -4.94 -6.54
N ILE B 230 -15.49 -6.01 -6.15
CA ILE B 230 -14.33 -6.48 -6.91
C ILE B 230 -14.76 -6.93 -8.31
N GLY B 231 -15.71 -7.85 -8.36
CA GLY B 231 -16.20 -8.36 -9.61
C GLY B 231 -16.80 -7.30 -10.50
N GLU B 232 -17.60 -6.41 -9.92
CA GLU B 232 -18.22 -5.33 -10.68
C GLU B 232 -17.15 -4.43 -11.31
N GLU B 233 -16.12 -4.13 -10.54
CA GLU B 233 -15.03 -3.31 -11.05
C GLU B 233 -14.38 -3.99 -12.22
N VAL B 234 -14.08 -5.29 -12.08
CA VAL B 234 -13.46 -6.05 -13.15
C VAL B 234 -14.36 -6.08 -14.38
N LYS B 235 -15.66 -6.08 -14.16
CA LYS B 235 -16.62 -6.12 -15.24
C LYS B 235 -16.55 -4.82 -16.05
N ARG B 236 -16.48 -3.67 -15.37
CA ARG B 236 -16.42 -2.40 -16.07
C ARG B 236 -15.04 -2.08 -16.61
N GLN B 237 -14.01 -2.57 -15.93
CA GLN B 237 -12.64 -2.34 -16.38
C GLN B 237 -12.40 -3.15 -17.64
N SER B 238 -12.94 -4.37 -17.69
CA SER B 238 -12.79 -5.24 -18.85
C SER B 238 -13.51 -4.62 -20.05
N LEU B 239 -14.71 -4.10 -19.81
CA LEU B 239 -15.51 -3.49 -20.86
C LEU B 239 -14.85 -2.26 -21.46
N GLU B 240 -14.23 -1.43 -20.63
CA GLU B 240 -13.59 -0.23 -21.11
C GLU B 240 -12.28 -0.51 -21.84
N LEU B 241 -11.59 -1.57 -21.44
CA LEU B 241 -10.31 -1.90 -22.06
C LEU B 241 -10.38 -2.96 -23.18
N PHE B 242 -11.42 -3.79 -23.17
CA PHE B 242 -11.59 -4.84 -24.19
C PHE B 242 -12.89 -4.67 -24.96
N GLY B 243 -13.84 -3.94 -24.38
CA GLY B 243 -15.11 -3.77 -25.05
C GLY B 243 -15.93 -5.03 -24.89
N ARG B 244 -15.42 -5.94 -24.06
CA ARG B 244 -16.08 -7.21 -23.78
C ARG B 244 -15.54 -7.78 -22.46
N LEU B 245 -16.29 -8.71 -21.87
CA LEU B 245 -15.89 -9.32 -20.61
C LEU B 245 -14.80 -10.35 -20.85
N PRO B 246 -14.00 -10.66 -19.80
CA PRO B 246 -12.91 -11.64 -19.88
C PRO B 246 -13.34 -13.04 -20.29
N ASP B 247 -12.40 -13.85 -20.74
CA ASP B 247 -12.69 -15.21 -21.15
C ASP B 247 -12.76 -16.15 -19.95
N ALA B 248 -11.89 -15.92 -18.97
CA ALA B 248 -11.87 -16.71 -17.75
C ALA B 248 -11.40 -15.86 -16.56
N LEU B 249 -12.00 -16.11 -15.39
CA LEU B 249 -11.62 -15.42 -14.17
C LEU B 249 -11.19 -16.53 -13.23
N ILE B 250 -10.03 -16.36 -12.59
CA ILE B 250 -9.49 -17.37 -11.71
C ILE B 250 -9.20 -16.77 -10.34
N ALA B 251 -9.56 -17.48 -9.28
CA ALA B 251 -9.32 -17.00 -7.93
C ALA B 251 -9.24 -18.16 -6.96
N ALA B 252 -8.37 -18.03 -5.98
CA ALA B 252 -8.19 -19.05 -4.96
C ALA B 252 -9.41 -19.02 -4.05
N VAL B 253 -9.93 -20.19 -3.73
CA VAL B 253 -11.09 -20.29 -2.85
C VAL B 253 -10.67 -20.96 -1.55
N GLY B 254 -10.76 -20.20 -0.46
CA GLY B 254 -10.40 -20.74 0.83
C GLY B 254 -10.57 -19.67 1.91
N GLY B 255 -9.51 -19.42 2.66
CA GLY B 255 -9.58 -18.42 3.70
C GLY B 255 -10.05 -17.07 3.17
N GLY B 256 -11.27 -16.68 3.54
CA GLY B 256 -11.79 -15.39 3.09
C GLY B 256 -12.96 -15.44 2.13
N SER B 257 -13.19 -14.32 1.46
CA SER B 257 -14.29 -14.17 0.51
C SER B 257 -13.81 -13.60 -0.83
N ASN B 258 -12.56 -13.88 -1.15
CA ASN B 258 -11.93 -13.40 -2.38
C ASN B 258 -12.64 -13.82 -3.67
N ALA B 259 -12.73 -15.13 -3.91
CA ALA B 259 -13.36 -15.62 -5.12
C ALA B 259 -14.83 -15.25 -5.28
N ILE B 260 -15.54 -15.14 -4.17
CA ILE B 260 -16.97 -14.82 -4.22
C ILE B 260 -17.24 -13.39 -4.70
N GLY B 261 -16.41 -12.44 -4.28
CA GLY B 261 -16.60 -11.07 -4.71
C GLY B 261 -16.35 -10.89 -6.20
N LEU B 262 -15.38 -11.63 -6.73
CA LEU B 262 -15.06 -11.56 -8.15
C LEU B 262 -16.09 -12.35 -8.97
N PHE B 263 -16.52 -13.48 -8.43
CA PHE B 263 -17.48 -14.36 -9.10
C PHE B 263 -18.94 -13.91 -9.20
N ALA B 264 -19.57 -13.63 -8.06
CA ALA B 264 -20.98 -13.25 -8.00
C ALA B 264 -21.52 -12.32 -9.09
N PRO B 265 -20.82 -11.20 -9.36
CA PRO B 265 -21.37 -10.35 -10.40
C PRO B 265 -21.36 -10.94 -11.81
N PHE B 266 -20.77 -12.14 -11.95
CA PHE B 266 -20.73 -12.80 -13.25
C PHE B 266 -21.55 -14.09 -13.27
N ALA B 267 -21.53 -14.81 -12.15
CA ALA B 267 -22.23 -16.09 -12.02
C ALA B 267 -23.74 -16.06 -12.34
N TYR B 268 -24.38 -14.92 -12.15
CA TYR B 268 -25.82 -14.83 -12.42
C TYR B 268 -26.18 -14.13 -13.73
N LEU B 269 -25.20 -13.94 -14.61
CA LEU B 269 -25.44 -13.28 -15.90
C LEU B 269 -26.18 -14.22 -16.88
N PRO B 270 -27.25 -13.71 -17.53
CA PRO B 270 -28.04 -14.50 -18.48
C PRO B 270 -27.13 -15.32 -19.41
N GLU B 271 -26.03 -14.69 -19.82
CA GLU B 271 -25.05 -15.34 -20.68
C GLU B 271 -23.87 -14.43 -21.00
N GLY B 272 -23.00 -14.88 -21.89
CA GLY B 272 -21.83 -14.10 -22.24
C GLY B 272 -20.92 -14.18 -21.02
N ARG B 273 -21.27 -15.11 -20.15
CA ARG B 273 -20.56 -15.35 -18.90
C ARG B 273 -19.16 -15.90 -19.07
N PRO B 274 -18.18 -15.29 -18.38
CA PRO B 274 -16.81 -15.77 -18.49
C PRO B 274 -16.73 -17.07 -17.71
N LYS B 275 -15.77 -17.92 -18.03
CA LYS B 275 -15.65 -19.17 -17.29
C LYS B 275 -15.06 -18.82 -15.94
N LEU B 276 -15.73 -19.26 -14.88
CA LEU B 276 -15.26 -19.00 -13.53
C LEU B 276 -14.52 -20.23 -13.03
N ILE B 277 -13.28 -20.02 -12.60
CA ILE B 277 -12.45 -21.12 -12.11
C ILE B 277 -11.93 -20.85 -10.71
N GLY B 278 -12.52 -21.54 -9.74
CA GLY B 278 -12.09 -21.37 -8.36
C GLY B 278 -11.02 -22.39 -8.09
N VAL B 279 -9.99 -22.00 -7.34
CA VAL B 279 -8.88 -22.90 -7.06
C VAL B 279 -8.81 -23.19 -5.58
N GLU B 280 -8.73 -24.47 -5.22
CA GLU B 280 -8.67 -24.85 -3.81
C GLU B 280 -7.26 -25.29 -3.39
N ALA B 281 -7.02 -25.25 -2.08
CA ALA B 281 -5.73 -25.62 -1.52
C ALA B 281 -5.46 -27.13 -1.57
N ALA B 282 -4.24 -27.50 -1.19
CA ALA B 282 -3.80 -28.91 -1.17
C ALA B 282 -4.79 -29.81 -0.45
N SER B 323 -12.96 -31.44 11.17
CA SER B 323 -12.76 -32.19 12.41
C SER B 323 -13.60 -31.62 13.56
N VAL B 324 -13.33 -30.39 13.95
CA VAL B 324 -14.09 -29.75 15.04
C VAL B 324 -14.57 -28.38 14.59
N SER B 325 -15.85 -28.12 14.79
CA SER B 325 -16.46 -26.84 14.40
C SER B 325 -16.83 -25.96 15.58
N ALA B 326 -16.07 -24.88 15.76
CA ALA B 326 -16.32 -23.95 16.86
C ALA B 326 -17.09 -22.72 16.38
N GLY B 327 -17.99 -22.25 17.23
CA GLY B 327 -18.78 -21.07 16.91
C GLY B 327 -19.68 -21.15 15.69
N LEU B 328 -19.36 -20.36 14.68
CA LEU B 328 -20.16 -20.34 13.46
C LEU B 328 -19.37 -20.78 12.24
N ASP B 329 -18.21 -21.39 12.46
CA ASP B 329 -17.41 -21.83 11.33
C ASP B 329 -18.07 -23.09 10.75
N TYR B 330 -17.73 -23.42 9.51
CA TYR B 330 -18.33 -24.57 8.85
C TYR B 330 -17.36 -25.13 7.81
N PRO B 331 -17.27 -26.46 7.68
CA PRO B 331 -16.36 -27.05 6.69
C PRO B 331 -16.77 -26.76 5.26
N GLY B 332 -15.79 -26.69 4.35
CA GLY B 332 -16.11 -26.46 2.96
C GLY B 332 -15.92 -25.05 2.43
N VAL B 333 -16.32 -24.87 1.17
CA VAL B 333 -16.21 -23.59 0.48
C VAL B 333 -17.40 -22.68 0.73
N GLY B 334 -18.48 -23.23 1.29
CA GLY B 334 -19.66 -22.44 1.55
C GLY B 334 -20.83 -22.69 0.62
N PRO B 335 -22.03 -22.19 0.96
CA PRO B 335 -23.25 -22.34 0.18
C PRO B 335 -23.23 -21.88 -1.28
N GLU B 336 -22.75 -20.66 -1.52
CA GLU B 336 -22.74 -20.10 -2.86
C GLU B 336 -21.81 -20.77 -3.89
N HIS B 337 -20.62 -21.17 -3.46
CA HIS B 337 -19.71 -21.85 -4.37
C HIS B 337 -20.25 -23.25 -4.69
N SER B 338 -20.95 -23.84 -3.71
CA SER B 338 -21.54 -25.16 -3.89
C SER B 338 -22.66 -25.06 -4.92
N TYR B 339 -23.45 -23.99 -4.82
CA TYR B 339 -24.53 -23.79 -5.77
C TYR B 339 -24.00 -23.51 -7.17
N TYR B 340 -22.90 -22.77 -7.26
CA TYR B 340 -22.29 -22.45 -8.56
C TYR B 340 -21.90 -23.75 -9.26
N ALA B 341 -21.22 -24.64 -8.53
CA ALA B 341 -20.79 -25.92 -9.07
C ALA B 341 -21.96 -26.72 -9.65
N ASP B 342 -22.99 -26.95 -8.84
CA ASP B 342 -24.15 -27.70 -9.30
C ASP B 342 -24.76 -27.09 -10.55
N ALA B 343 -25.12 -25.82 -10.45
CA ALA B 343 -25.71 -25.10 -11.58
C ALA B 343 -24.75 -25.09 -12.76
N GLY B 344 -23.48 -25.37 -12.46
CA GLY B 344 -22.46 -25.39 -13.51
C GLY B 344 -21.95 -24.05 -13.99
N VAL B 345 -22.14 -22.99 -13.20
CA VAL B 345 -21.69 -21.67 -13.61
C VAL B 345 -20.26 -21.39 -13.18
N ALA B 346 -19.68 -22.35 -12.47
CA ALA B 346 -18.30 -22.24 -11.99
C ALA B 346 -17.76 -23.63 -11.78
N GLU B 347 -16.48 -23.83 -12.08
CA GLU B 347 -15.85 -25.13 -11.90
C GLU B 347 -14.69 -24.95 -10.96
N TYR B 348 -14.39 -25.99 -10.20
CA TYR B 348 -13.32 -25.90 -9.23
C TYR B 348 -12.15 -26.84 -9.46
N ALA B 349 -10.97 -26.43 -8.99
CA ALA B 349 -9.76 -27.19 -9.15
C ALA B 349 -8.80 -26.93 -8.01
N SER B 350 -7.69 -27.67 -8.00
CA SER B 350 -6.69 -27.51 -6.95
C SER B 350 -5.29 -27.73 -7.51
N VAL B 351 -4.29 -27.34 -6.73
CA VAL B 351 -2.90 -27.50 -7.12
C VAL B 351 -2.13 -27.96 -5.90
N THR B 352 -0.94 -28.52 -6.12
CA THR B 352 -0.12 -29.01 -5.01
C THR B 352 0.62 -27.85 -4.34
N ASP B 353 1.05 -28.06 -3.10
CA ASP B 353 1.79 -27.05 -2.35
C ASP B 353 3.00 -26.60 -3.16
N GLU B 354 3.68 -27.58 -3.76
CA GLU B 354 4.88 -27.30 -4.55
C GLU B 354 4.58 -26.44 -5.78
N GLU B 355 3.40 -26.61 -6.37
CA GLU B 355 3.03 -25.84 -7.56
C GLU B 355 2.74 -24.38 -7.25
N ALA B 356 2.09 -24.15 -6.11
CA ALA B 356 1.75 -22.80 -5.68
C ALA B 356 3.01 -22.06 -5.28
N LEU B 357 3.93 -22.79 -4.67
CA LEU B 357 5.20 -22.23 -4.23
C LEU B 357 5.97 -21.73 -5.45
N GLU B 358 5.80 -22.43 -6.56
CA GLU B 358 6.46 -22.08 -7.79
C GLU B 358 5.82 -20.84 -8.41
N GLY B 359 4.53 -20.65 -8.15
CA GLY B 359 3.82 -19.51 -8.70
C GLY B 359 4.24 -18.25 -7.97
N PHE B 360 4.41 -18.39 -6.65
CA PHE B 360 4.83 -17.30 -5.79
C PHE B 360 6.07 -16.67 -6.42
N LYS B 361 7.05 -17.52 -6.69
CA LYS B 361 8.31 -17.12 -7.29
C LYS B 361 8.21 -16.65 -8.74
N LEU B 362 7.33 -17.26 -9.53
CA LEU B 362 7.19 -16.87 -10.92
C LEU B 362 6.68 -15.43 -11.06
N LEU B 363 5.69 -15.06 -10.26
CA LEU B 363 5.16 -13.70 -10.33
C LEU B 363 6.10 -12.66 -9.73
N ALA B 364 6.93 -13.05 -8.78
CA ALA B 364 7.87 -12.12 -8.18
C ALA B 364 8.95 -11.75 -9.18
N ARG B 365 9.46 -12.76 -9.89
CA ARG B 365 10.52 -12.59 -10.88
C ARG B 365 10.12 -11.85 -12.16
N LEU B 366 8.93 -12.16 -12.68
CA LEU B 366 8.46 -11.56 -13.93
C LEU B 366 7.65 -10.28 -13.84
N GLU B 367 6.89 -10.11 -12.76
CA GLU B 367 6.07 -8.92 -12.63
C GLU B 367 6.47 -7.99 -11.50
N GLY B 368 7.35 -8.46 -10.61
CA GLY B 368 7.80 -7.64 -9.50
C GLY B 368 6.74 -7.55 -8.41
N ILE B 369 5.84 -8.53 -8.42
CA ILE B 369 4.77 -8.56 -7.44
C ILE B 369 4.86 -9.83 -6.61
N ILE B 370 5.03 -9.69 -5.31
CA ILE B 370 5.12 -10.86 -4.44
C ILE B 370 3.71 -11.12 -3.93
N PRO B 371 3.05 -12.14 -4.50
CA PRO B 371 1.68 -12.51 -4.13
C PRO B 371 1.55 -13.21 -2.80
N ALA B 372 0.31 -13.32 -2.33
CA ALA B 372 0.03 -14.03 -1.09
C ALA B 372 0.14 -15.48 -1.51
N LEU B 373 0.52 -16.38 -0.60
CA LEU B 373 0.63 -17.78 -0.96
C LEU B 373 -0.70 -18.29 -1.54
N GLU B 374 -1.80 -17.71 -1.07
CA GLU B 374 -3.13 -18.08 -1.54
C GLU B 374 -3.32 -17.74 -3.03
N SER B 375 -2.91 -16.54 -3.41
CA SER B 375 -3.03 -16.09 -4.78
C SER B 375 -2.09 -16.89 -5.67
N ALA B 376 -1.01 -17.37 -5.08
CA ALA B 376 -0.02 -18.16 -5.82
C ALA B 376 -0.65 -19.48 -6.29
N HIS B 377 -1.71 -19.92 -5.60
CA HIS B 377 -2.41 -21.15 -5.98
C HIS B 377 -3.14 -20.93 -7.29
N ALA B 378 -3.75 -19.75 -7.42
CA ALA B 378 -4.47 -19.43 -8.64
C ALA B 378 -3.45 -19.21 -9.75
N ILE B 379 -2.33 -18.56 -9.42
CA ILE B 379 -1.28 -18.31 -10.41
C ILE B 379 -0.88 -19.66 -10.97
N ALA B 380 -0.54 -20.58 -10.07
CA ALA B 380 -0.12 -21.92 -10.43
C ALA B 380 -1.17 -22.58 -11.33
N TYR B 381 -2.44 -22.44 -10.97
CA TYR B 381 -3.47 -23.04 -11.80
C TYR B 381 -3.55 -22.40 -13.19
N ALA B 382 -3.40 -21.09 -13.26
CA ALA B 382 -3.45 -20.42 -14.55
C ALA B 382 -2.30 -20.93 -15.42
N ALA B 383 -1.22 -21.36 -14.77
CA ALA B 383 -0.06 -21.89 -15.47
C ALA B 383 -0.42 -23.13 -16.26
N LYS B 384 -1.49 -23.81 -15.85
CA LYS B 384 -1.93 -25.05 -16.50
C LYS B 384 -3.01 -24.87 -17.57
N VAL B 385 -3.49 -23.65 -17.76
CA VAL B 385 -4.54 -23.42 -18.75
C VAL B 385 -4.30 -22.23 -19.67
N VAL B 386 -3.59 -21.23 -19.19
CA VAL B 386 -3.32 -20.05 -20.01
C VAL B 386 -2.45 -20.31 -21.25
N PRO B 387 -1.35 -21.06 -21.11
CA PRO B 387 -0.51 -21.32 -22.28
C PRO B 387 -1.23 -21.99 -23.46
N GLU B 388 -2.21 -22.85 -23.17
CA GLU B 388 -2.97 -23.55 -24.21
C GLU B 388 -3.78 -22.56 -25.02
N ASP B 390 -5.39 -18.86 -26.58
CA ASP B 390 -4.93 -18.01 -27.66
C ASP B 390 -4.45 -16.64 -27.17
N LYS B 391 -3.44 -16.11 -27.85
CA LYS B 391 -2.88 -14.82 -27.48
C LYS B 391 -3.87 -13.66 -27.57
N ASP B 392 -5.05 -13.93 -28.12
CA ASP B 392 -6.07 -12.89 -28.25
C ASP B 392 -7.13 -13.01 -27.15
N GLN B 393 -7.03 -14.07 -26.36
CA GLN B 393 -7.98 -14.29 -25.27
C GLN B 393 -7.45 -13.59 -24.01
N VAL B 394 -8.36 -13.23 -23.12
CA VAL B 394 -8.00 -12.56 -21.88
C VAL B 394 -8.37 -13.36 -20.64
N VAL B 395 -7.45 -13.41 -19.70
CA VAL B 395 -7.63 -14.12 -18.44
C VAL B 395 -7.32 -13.21 -17.26
N VAL B 396 -8.27 -13.13 -16.33
CA VAL B 396 -8.11 -12.31 -15.14
C VAL B 396 -7.78 -13.18 -13.92
N ILE B 397 -6.72 -12.83 -13.20
CA ILE B 397 -6.37 -13.57 -12.00
C ILE B 397 -6.51 -12.64 -10.81
N ASN B 398 -7.21 -13.10 -9.78
CA ASN B 398 -7.44 -12.31 -8.57
C ASN B 398 -6.28 -12.43 -7.58
N LEU B 399 -5.70 -11.31 -7.20
CA LEU B 399 -4.62 -11.29 -6.22
C LEU B 399 -5.21 -10.77 -4.90
N SER B 400 -5.80 -11.67 -4.12
CA SER B 400 -6.44 -11.33 -2.86
C SER B 400 -5.65 -10.39 -1.94
N GLY B 401 -4.41 -10.75 -1.63
CA GLY B 401 -3.62 -9.90 -0.77
C GLY B 401 -2.16 -9.90 -1.16
N ARG B 402 -1.34 -9.16 -0.44
CA ARG B 402 0.09 -9.14 -0.74
C ARG B 402 0.80 -10.19 0.09
N GLY B 403 1.90 -10.72 -0.45
CA GLY B 403 2.64 -11.77 0.23
C GLY B 403 3.79 -11.39 1.13
N ASP B 404 3.84 -10.13 1.55
CA ASP B 404 4.92 -9.67 2.42
C ASP B 404 4.86 -10.36 3.79
N LYS B 405 3.85 -11.21 3.98
CA LYS B 405 3.67 -11.94 5.22
C LYS B 405 4.12 -13.40 5.05
N ASP B 406 3.68 -14.03 3.96
CA ASP B 406 4.02 -15.42 3.70
C ASP B 406 5.46 -15.57 3.21
N VAL B 407 6.12 -14.43 2.99
CA VAL B 407 7.50 -14.43 2.50
C VAL B 407 8.48 -15.00 3.54
N THR B 408 8.15 -14.86 4.81
CA THR B 408 9.01 -15.38 5.87
C THR B 408 8.85 -16.89 5.93
N GLU B 409 7.64 -17.36 5.68
CA GLU B 409 7.32 -18.79 5.69
C GLU B 409 7.95 -19.47 4.48
N VAL B 410 7.71 -18.89 3.31
CA VAL B 410 8.24 -19.41 2.06
C VAL B 410 9.78 -19.42 2.12
N ARG B 412 11.50 -20.20 4.73
CA ARG B 412 11.90 -21.35 5.52
C ARG B 412 11.94 -22.63 4.70
N LEU B 413 10.78 -23.04 4.18
CA LEU B 413 10.70 -24.26 3.39
C LEU B 413 11.46 -24.23 2.06
N LEU B 414 12.34 -23.25 1.89
CA LEU B 414 13.12 -23.14 0.66
C LEU B 414 14.60 -22.93 0.94
N GLY B 415 15.03 -23.26 2.15
CA GLY B 415 16.43 -23.09 2.51
C GLY B 415 16.74 -21.70 3.01
#